data_3UCE
#
_entry.id   3UCE
#
_cell.length_a   69.630
_cell.length_b   96.260
_cell.length_c   72.110
_cell.angle_alpha   90.00
_cell.angle_beta   103.99
_cell.angle_gamma   90.00
#
_symmetry.space_group_name_H-M   'P 1 21 1'
#
loop_
_entity.id
_entity.type
_entity.pdbx_description
1 polymer Dehydrogenase
2 non-polymer 'NADPH DIHYDRO-NICOTINAMIDE-ADENINE-DINUCLEOTIDE PHOSPHATE'
3 water water
#
_entity_poly.entity_id   1
_entity_poly.type   'polypeptide(L)'
_entity_poly.pdbx_seq_one_letter_code
;MMGSDKTVYVVLGGTSGIGAELAKQLESEHTIVHVASRQTGLDISDEKSVYHYFETIGAFDHLIVTAGSYAPAGKVVDVE
VTQAKYAFDTKFWGAVLAAKHGARYLKQGGSITLTSGMLSRKVVANTYVKAAINAAIEATTKVLAKELAPIRVNAISPGL
TKTEAYKGMNADDRDAMYQRTQSHLPVGKVGEASDIAMAYLFAIQNSYMTGTVIDVDGGALLG
;
_entity_poly.pdbx_strand_id   A,B,C,D
#
loop_
_chem_comp.id
_chem_comp.type
_chem_comp.name
_chem_comp.formula
NDP non-polymer 'NADPH DIHYDRO-NICOTINAMIDE-ADENINE-DINUCLEOTIDE PHOSPHATE' 'C21 H30 N7 O17 P3'
#
# COMPACT_ATOMS: atom_id res chain seq x y z
N ASP A 5 -28.83 15.25 26.62
CA ASP A 5 -28.52 15.33 25.20
C ASP A 5 -27.93 14.01 24.70
N LYS A 6 -28.80 13.11 24.25
CA LYS A 6 -28.37 11.78 23.81
C LYS A 6 -27.52 11.83 22.55
N THR A 7 -26.68 10.81 22.39
CA THR A 7 -25.86 10.67 21.20
C THR A 7 -26.67 9.92 20.16
N VAL A 8 -26.76 10.50 18.97
CA VAL A 8 -27.62 9.97 17.92
C VAL A 8 -26.81 9.33 16.79
N TYR A 9 -27.14 8.09 16.49
CA TYR A 9 -26.48 7.32 15.45
C TYR A 9 -27.43 7.05 14.30
N VAL A 10 -26.88 6.99 13.10
CA VAL A 10 -27.62 6.55 11.94
C VAL A 10 -26.84 5.42 11.31
N VAL A 11 -27.49 4.28 11.12
CA VAL A 11 -26.85 3.12 10.50
C VAL A 11 -27.61 2.73 9.24
N LEU A 12 -27.07 3.16 8.09
CA LEU A 12 -27.66 2.84 6.81
C LEU A 12 -27.20 1.45 6.41
N GLY A 13 -28.15 0.51 6.40
CA GLY A 13 -27.82 -0.91 6.31
C GLY A 13 -27.92 -1.56 7.68
N GLY A 14 -28.46 -0.84 8.66
CA GLY A 14 -28.56 -1.33 10.03
C GLY A 14 -29.69 -2.31 10.27
N THR A 15 -30.33 -2.78 9.21
CA THR A 15 -31.45 -3.70 9.37
C THR A 15 -31.03 -5.14 9.14
N SER A 16 -29.75 -5.35 8.80
CA SER A 16 -29.25 -6.71 8.55
C SER A 16 -27.76 -6.85 8.89
N GLY A 17 -27.34 -8.11 9.09
CA GLY A 17 -25.93 -8.46 9.19
C GLY A 17 -25.13 -7.57 10.12
N ILE A 18 -24.06 -7.00 9.57
CA ILE A 18 -23.08 -6.27 10.38
C ILE A 18 -23.67 -4.99 10.95
N GLY A 19 -24.40 -4.23 10.12
CA GLY A 19 -25.07 -3.03 10.56
C GLY A 19 -26.04 -3.31 11.71
N ALA A 20 -26.80 -4.41 11.60
CA ALA A 20 -27.78 -4.75 12.62
C ALA A 20 -27.10 -5.02 13.97
N GLU A 21 -26.00 -5.75 13.93
CA GLU A 21 -25.29 -6.10 15.16
C GLU A 21 -24.74 -4.84 15.82
N LEU A 22 -24.20 -3.93 15.01
CA LEU A 22 -23.67 -2.68 15.54
C LEU A 22 -24.80 -1.85 16.16
N ALA A 23 -25.91 -1.73 15.45
CA ALA A 23 -27.03 -0.95 15.96
C ALA A 23 -27.45 -1.49 17.34
N LYS A 24 -27.54 -2.81 17.44
CA LYS A 24 -27.88 -3.46 18.69
C LYS A 24 -26.91 -3.08 19.80
N GLN A 25 -25.61 -3.05 19.47
CA GLN A 25 -24.59 -2.74 20.47
C GLN A 25 -24.57 -1.25 20.85
N LEU A 26 -25.11 -0.39 19.98
CA LEU A 26 -25.11 1.05 20.25
C LEU A 26 -26.28 1.45 21.14
N GLU A 27 -27.28 0.58 21.23
CA GLU A 27 -28.48 0.86 22.02
C GLU A 27 -28.16 1.05 23.49
N SER A 28 -28.59 2.17 24.05
CA SER A 28 -28.46 2.39 25.49
C SER A 28 -29.41 3.51 25.90
N GLU A 29 -29.37 3.87 27.19
CA GLU A 29 -30.27 4.90 27.71
C GLU A 29 -29.82 6.28 27.26
N HIS A 30 -28.56 6.41 26.89
CA HIS A 30 -28.00 7.70 26.50
C HIS A 30 -27.81 7.81 24.99
N THR A 31 -28.36 6.86 24.23
CA THR A 31 -28.26 6.92 22.77
C THR A 31 -29.61 6.77 22.08
N ILE A 32 -29.68 7.29 20.86
CA ILE A 32 -30.79 7.04 19.95
C ILE A 32 -30.18 6.45 18.70
N VAL A 33 -30.65 5.26 18.30
CA VAL A 33 -30.09 4.56 17.15
C VAL A 33 -31.10 4.39 16.01
N HIS A 34 -30.89 5.11 14.91
CA HIS A 34 -31.71 4.97 13.71
C HIS A 34 -31.10 3.99 12.72
N VAL A 35 -31.90 3.07 12.21
CA VAL A 35 -31.44 2.18 11.14
C VAL A 35 -32.34 2.38 9.94
N ALA A 36 -31.79 2.21 8.74
CA ALA A 36 -32.58 2.38 7.53
C ALA A 36 -32.04 1.54 6.39
N SER A 37 -32.94 1.18 5.48
CA SER A 37 -32.58 0.50 4.24
C SER A 37 -33.84 0.48 3.39
N ARG A 38 -33.85 -0.33 2.33
CA ARG A 38 -35.00 -0.31 1.42
C ARG A 38 -36.27 -0.73 2.15
N GLN A 39 -36.13 -1.62 3.12
CA GLN A 39 -37.33 -2.14 3.80
C GLN A 39 -37.94 -1.11 4.75
N THR A 40 -37.19 -0.04 5.04
CA THR A 40 -37.73 1.09 5.82
C THR A 40 -38.00 2.31 4.93
N GLY A 41 -37.78 2.17 3.62
CA GLY A 41 -38.10 3.22 2.69
C GLY A 41 -36.91 4.04 2.24
N LEU A 42 -35.71 3.62 2.60
CA LEU A 42 -34.51 4.31 2.13
C LEU A 42 -33.77 3.50 1.07
N ASP A 43 -33.73 4.04 -0.14
CA ASP A 43 -32.88 3.50 -1.19
C ASP A 43 -31.65 4.38 -1.32
N ILE A 44 -30.54 3.92 -0.73
CA ILE A 44 -29.33 4.71 -0.65
C ILE A 44 -28.72 4.99 -2.04
N SER A 45 -29.19 4.30 -3.07
CA SER A 45 -28.69 4.53 -4.43
C SER A 45 -29.44 5.70 -5.09
N ASP A 46 -30.48 6.18 -4.42
CA ASP A 46 -31.36 7.21 -5.00
C ASP A 46 -31.19 8.53 -4.27
N GLU A 47 -30.58 9.51 -4.93
CA GLU A 47 -30.22 10.74 -4.24
C GLU A 47 -31.38 11.43 -3.53
N LYS A 48 -32.54 11.51 -4.17
CA LYS A 48 -33.65 12.23 -3.57
C LYS A 48 -34.15 11.46 -2.34
N SER A 49 -34.06 10.14 -2.39
CA SER A 49 -34.42 9.29 -1.24
C SER A 49 -33.45 9.51 -0.06
N VAL A 50 -32.16 9.62 -0.35
CA VAL A 50 -31.17 9.87 0.70
C VAL A 50 -31.34 11.27 1.28
N TYR A 51 -31.60 12.24 0.41
CA TYR A 51 -31.81 13.61 0.86
C TYR A 51 -33.01 13.67 1.79
N HIS A 52 -34.12 13.05 1.38
CA HIS A 52 -35.34 12.98 2.19
C HIS A 52 -35.05 12.35 3.55
N TYR A 53 -34.30 11.25 3.55
CA TYR A 53 -34.00 10.54 4.78
C TYR A 53 -33.33 11.45 5.84
N PHE A 54 -32.29 12.18 5.46
CA PHE A 54 -31.57 13.03 6.40
C PHE A 54 -32.40 14.26 6.83
N GLU A 55 -33.31 14.72 5.98
CA GLU A 55 -34.26 15.76 6.40
C GLU A 55 -35.11 15.27 7.58
N THR A 56 -35.52 14.00 7.53
CA THR A 56 -36.35 13.45 8.60
C THR A 56 -35.59 13.23 9.92
N ILE A 57 -34.27 13.10 9.86
CA ILE A 57 -33.49 12.78 11.06
C ILE A 57 -33.02 14.05 11.75
N GLY A 58 -32.50 15.00 10.99
CA GLY A 58 -31.99 16.21 11.57
C GLY A 58 -30.62 15.95 12.17
N ALA A 59 -30.18 16.85 13.05
CA ALA A 59 -28.83 16.78 13.61
C ALA A 59 -28.56 15.43 14.27
N PHE A 60 -27.38 14.87 14.03
CA PHE A 60 -27.00 13.63 14.67
C PHE A 60 -25.48 13.58 14.74
N ASP A 61 -24.94 12.54 15.38
CA ASP A 61 -23.53 12.53 15.75
C ASP A 61 -22.67 11.62 14.87
N HIS A 62 -23.11 10.39 14.66
CA HIS A 62 -22.30 9.43 13.92
C HIS A 62 -23.09 8.71 12.83
N LEU A 63 -22.53 8.75 11.63
CA LEU A 63 -23.12 8.08 10.47
C LEU A 63 -22.30 6.84 10.15
N ILE A 64 -22.96 5.69 10.01
CA ILE A 64 -22.31 4.44 9.63
C ILE A 64 -23.01 3.87 8.41
N VAL A 65 -22.24 3.47 7.40
CA VAL A 65 -22.82 2.88 6.20
C VAL A 65 -22.29 1.45 5.98
N THR A 66 -23.20 0.49 6.06
CA THR A 66 -22.88 -0.91 5.75
C THR A 66 -23.69 -1.43 4.56
N ALA A 67 -24.54 -0.58 3.98
CA ALA A 67 -25.49 -1.02 2.96
C ALA A 67 -24.80 -1.48 1.67
N GLY A 68 -25.32 -2.56 1.08
CA GLY A 68 -24.89 -2.97 -0.25
C GLY A 68 -23.90 -4.11 -0.27
N SER A 69 -24.33 -5.29 0.18
CA SER A 69 -23.44 -6.45 0.20
C SER A 69 -23.40 -7.18 -1.15
N TYR A 70 -24.36 -6.88 -2.02
CA TYR A 70 -24.46 -7.60 -3.29
C TYR A 70 -23.40 -7.21 -4.32
N ALA A 71 -22.90 -8.21 -5.05
CA ALA A 71 -22.11 -7.96 -6.26
C ALA A 71 -22.15 -9.21 -7.15
N PRO A 72 -22.17 -9.02 -8.48
CA PRO A 72 -22.12 -10.16 -9.40
C PRO A 72 -20.75 -10.84 -9.42
N ALA A 73 -20.68 -12.09 -8.97
CA ALA A 73 -19.42 -12.82 -8.95
C ALA A 73 -19.05 -13.32 -10.35
N GLY A 74 -17.76 -13.44 -10.63
CA GLY A 74 -17.33 -13.94 -11.92
C GLY A 74 -16.16 -13.15 -12.50
N LYS A 75 -15.57 -13.70 -13.55
CA LYS A 75 -14.45 -13.05 -14.24
C LYS A 75 -14.88 -11.79 -14.97
N VAL A 76 -13.94 -10.88 -15.19
CA VAL A 76 -14.22 -9.66 -15.93
C VAL A 76 -14.85 -9.99 -17.27
N VAL A 77 -14.34 -11.02 -17.93
CA VAL A 77 -14.82 -11.33 -19.27
C VAL A 77 -16.23 -11.93 -19.26
N ASP A 78 -16.67 -12.44 -18.10
CA ASP A 78 -17.99 -13.08 -17.99
C ASP A 78 -19.09 -12.22 -17.33
N VAL A 79 -18.72 -11.29 -16.46
CA VAL A 79 -19.72 -10.56 -15.65
C VAL A 79 -20.54 -9.59 -16.49
N GLU A 80 -21.83 -9.53 -16.19
CA GLU A 80 -22.75 -8.60 -16.86
C GLU A 80 -22.54 -7.19 -16.33
N VAL A 81 -22.15 -6.29 -17.22
CA VAL A 81 -21.73 -4.96 -16.79
C VAL A 81 -22.90 -4.17 -16.19
N THR A 82 -24.12 -4.44 -16.64
CA THR A 82 -25.27 -3.78 -16.05
C THR A 82 -25.40 -4.16 -14.58
N GLN A 83 -25.12 -5.41 -14.26
CA GLN A 83 -25.20 -5.89 -12.88
C GLN A 83 -24.07 -5.31 -12.02
N ALA A 84 -22.89 -5.21 -12.64
CA ALA A 84 -21.73 -4.61 -11.98
C ALA A 84 -22.01 -3.15 -11.64
N LYS A 85 -22.60 -2.41 -12.59
CA LYS A 85 -22.95 -1.02 -12.34
C LYS A 85 -24.02 -0.93 -11.28
N TYR A 86 -24.98 -1.86 -11.28
CA TYR A 86 -25.98 -1.89 -10.22
C TYR A 86 -25.32 -1.96 -8.84
N ALA A 87 -24.39 -2.89 -8.65
CA ALA A 87 -23.70 -3.05 -7.38
C ALA A 87 -22.99 -1.76 -6.96
N PHE A 88 -22.28 -1.14 -7.91
CA PHE A 88 -21.63 0.14 -7.66
C PHE A 88 -22.63 1.19 -7.20
N ASP A 89 -23.81 1.19 -7.82
CA ASP A 89 -24.80 2.22 -7.54
C ASP A 89 -25.23 2.21 -6.08
N THR A 90 -25.29 1.03 -5.47
CA THR A 90 -25.68 0.95 -4.05
C THR A 90 -24.50 1.16 -3.12
N LYS A 91 -23.48 0.30 -3.22
CA LYS A 91 -22.40 0.33 -2.24
C LYS A 91 -21.47 1.53 -2.42
N PHE A 92 -21.04 1.82 -3.65
CA PHE A 92 -20.15 2.95 -3.81
C PHE A 92 -20.90 4.27 -3.83
N TRP A 93 -21.80 4.45 -4.80
CA TRP A 93 -22.46 5.74 -4.96
C TRP A 93 -23.41 6.01 -3.80
N GLY A 94 -23.98 4.96 -3.24
CA GLY A 94 -24.72 5.09 -1.99
C GLY A 94 -23.88 5.74 -0.88
N ALA A 95 -22.67 5.22 -0.65
CA ALA A 95 -21.79 5.81 0.35
C ALA A 95 -21.52 7.27 0.01
N VAL A 96 -21.26 7.55 -1.26
CA VAL A 96 -20.98 8.91 -1.70
C VAL A 96 -22.18 9.83 -1.42
N LEU A 97 -23.38 9.34 -1.75
CA LEU A 97 -24.60 10.13 -1.52
C LEU A 97 -24.85 10.33 -0.03
N ALA A 98 -24.60 9.29 0.77
CA ALA A 98 -24.86 9.37 2.22
C ALA A 98 -23.96 10.43 2.86
N ALA A 99 -22.68 10.44 2.49
CA ALA A 99 -21.77 11.46 2.98
C ALA A 99 -22.18 12.85 2.49
N LYS A 100 -22.51 12.95 1.21
CA LYS A 100 -22.79 14.23 0.58
C LYS A 100 -23.96 14.96 1.24
N HIS A 101 -25.02 14.22 1.59
CA HIS A 101 -26.21 14.83 2.16
C HIS A 101 -26.28 14.69 3.68
N GLY A 102 -25.52 13.74 4.23
CA GLY A 102 -25.50 13.55 5.68
C GLY A 102 -24.55 14.49 6.41
N ALA A 103 -23.46 14.88 5.75
CA ALA A 103 -22.39 15.63 6.41
C ALA A 103 -22.88 16.89 7.11
N ARG A 104 -23.75 17.67 6.47
CA ARG A 104 -24.16 18.95 7.04
C ARG A 104 -24.94 18.81 8.35
N TYR A 105 -25.40 17.60 8.66
CA TYR A 105 -26.17 17.39 9.89
C TYR A 105 -25.29 16.90 11.04
N LEU A 106 -24.01 16.64 10.78
CA LEU A 106 -23.13 16.08 11.80
C LEU A 106 -22.74 17.11 12.86
N LYS A 107 -23.02 16.77 14.11
CA LYS A 107 -22.67 17.63 15.23
C LYS A 107 -21.19 17.57 15.54
N GLN A 108 -20.71 18.57 16.28
CA GLN A 108 -19.31 18.62 16.68
C GLN A 108 -18.89 17.30 17.32
N GLY A 109 -17.72 16.81 16.91
CA GLY A 109 -17.19 15.58 17.46
C GLY A 109 -17.69 14.37 16.69
N GLY A 110 -18.42 14.62 15.61
CA GLY A 110 -19.07 13.55 14.87
C GLY A 110 -18.14 12.84 13.89
N SER A 111 -18.66 11.76 13.31
CA SER A 111 -17.88 10.93 12.39
C SER A 111 -18.74 10.25 11.35
N ILE A 112 -18.08 9.81 10.28
CA ILE A 112 -18.66 8.92 9.30
C ILE A 112 -17.76 7.70 9.21
N THR A 113 -18.37 6.51 9.33
CA THR A 113 -17.65 5.25 9.13
C THR A 113 -18.26 4.44 7.98
N LEU A 114 -17.50 4.28 6.90
CA LEU A 114 -17.95 3.52 5.76
C LEU A 114 -17.49 2.06 5.85
N THR A 115 -17.84 1.28 4.84
CA THR A 115 -17.45 -0.12 4.83
C THR A 115 -16.82 -0.46 3.49
N SER A 116 -15.62 -1.05 3.52
CA SER A 116 -15.05 -1.60 2.28
C SER A 116 -15.06 -3.13 2.32
N GLY A 117 -13.89 -3.75 2.51
CA GLY A 117 -13.78 -5.20 2.42
C GLY A 117 -12.38 -5.57 1.92
N MET A 118 -11.82 -6.66 2.45
CA MET A 118 -10.43 -7.00 2.16
C MET A 118 -10.15 -7.25 0.68
N LEU A 119 -11.19 -7.43 -0.13
CA LEU A 119 -10.95 -7.67 -1.55
C LEU A 119 -10.40 -6.43 -2.27
N SER A 120 -10.46 -5.26 -1.60
CA SER A 120 -9.81 -4.08 -2.16
C SER A 120 -8.33 -4.36 -2.41
N ARG A 121 -7.73 -5.17 -1.52
CA ARG A 121 -6.29 -5.42 -1.54
C ARG A 121 -5.87 -6.90 -1.66
N LYS A 122 -6.77 -7.83 -1.33
CA LYS A 122 -6.49 -9.24 -1.57
C LYS A 122 -6.93 -9.57 -2.99
N VAL A 123 -6.00 -9.97 -3.84
CA VAL A 123 -6.31 -10.19 -5.26
C VAL A 123 -6.84 -11.60 -5.47
N VAL A 124 -8.12 -11.70 -5.84
CA VAL A 124 -8.77 -13.00 -5.97
C VAL A 124 -9.53 -13.07 -7.29
N ALA A 125 -9.29 -14.13 -8.06
CA ALA A 125 -9.98 -14.30 -9.34
C ALA A 125 -11.49 -14.28 -9.12
N ASN A 126 -12.21 -13.66 -10.05
CA ASN A 126 -13.68 -13.65 -10.03
C ASN A 126 -14.29 -12.60 -9.09
N THR A 127 -13.50 -11.64 -8.62
CA THR A 127 -14.00 -10.68 -7.65
C THR A 127 -13.82 -9.21 -8.05
N TYR A 128 -13.67 -8.91 -9.34
CA TYR A 128 -13.34 -7.52 -9.72
C TYR A 128 -14.38 -6.49 -9.27
N VAL A 129 -15.66 -6.84 -9.26
CA VAL A 129 -16.65 -5.84 -8.90
C VAL A 129 -16.50 -5.47 -7.44
N LYS A 130 -16.45 -6.48 -6.58
CA LYS A 130 -16.22 -6.24 -5.15
C LYS A 130 -14.90 -5.50 -4.90
N ALA A 131 -13.85 -5.93 -5.60
CA ALA A 131 -12.52 -5.34 -5.37
C ALA A 131 -12.51 -3.87 -5.78
N ALA A 132 -13.07 -3.57 -6.95
CA ALA A 132 -13.09 -2.20 -7.45
C ALA A 132 -13.92 -1.30 -6.54
N ILE A 133 -15.09 -1.79 -6.15
CA ILE A 133 -15.96 -1.03 -5.26
C ILE A 133 -15.20 -0.71 -3.97
N ASN A 134 -14.61 -1.74 -3.36
CA ASN A 134 -13.94 -1.53 -2.08
C ASN A 134 -12.72 -0.61 -2.17
N ALA A 135 -11.95 -0.73 -3.25
CA ALA A 135 -10.86 0.22 -3.50
C ALA A 135 -11.40 1.65 -3.63
N ALA A 136 -12.51 1.81 -4.33
CA ALA A 136 -13.07 3.16 -4.53
C ALA A 136 -13.52 3.69 -3.16
N ILE A 137 -14.11 2.84 -2.34
CA ILE A 137 -14.56 3.26 -1.02
C ILE A 137 -13.38 3.73 -0.18
N GLU A 138 -12.28 2.99 -0.23
CA GLU A 138 -11.14 3.34 0.60
C GLU A 138 -10.51 4.66 0.16
N ALA A 139 -10.34 4.88 -1.15
CA ALA A 139 -9.80 6.14 -1.62
C ALA A 139 -10.72 7.32 -1.25
N THR A 140 -12.02 7.10 -1.37
CA THR A 140 -13.00 8.15 -1.12
C THR A 140 -13.14 8.45 0.36
N THR A 141 -12.94 7.43 1.18
CA THR A 141 -12.91 7.61 2.63
C THR A 141 -11.84 8.63 2.98
N LYS A 142 -10.69 8.51 2.34
CA LYS A 142 -9.56 9.37 2.72
C LYS A 142 -9.72 10.81 2.23
N VAL A 143 -10.30 10.98 1.05
CA VAL A 143 -10.60 12.30 0.53
C VAL A 143 -11.61 12.98 1.43
N LEU A 144 -12.67 12.25 1.78
CA LEU A 144 -13.67 12.74 2.73
C LEU A 144 -13.04 13.19 4.08
N ALA A 145 -12.11 12.40 4.60
CA ALA A 145 -11.47 12.74 5.88
C ALA A 145 -10.76 14.08 5.79
N LYS A 146 -10.17 14.36 4.63
CA LYS A 146 -9.51 15.63 4.41
C LYS A 146 -10.53 16.76 4.24
N GLU A 147 -11.61 16.49 3.51
CA GLU A 147 -12.58 17.54 3.18
C GLU A 147 -13.53 17.90 4.33
N LEU A 148 -13.90 16.90 5.13
CA LEU A 148 -14.90 17.13 6.17
C LEU A 148 -14.27 17.45 7.52
N ALA A 149 -12.95 17.39 7.62
CA ALA A 149 -12.26 17.70 8.88
C ALA A 149 -12.82 19.00 9.45
N PRO A 150 -13.08 19.05 10.77
CA PRO A 150 -12.70 18.11 11.84
C PRO A 150 -13.64 16.94 12.07
N ILE A 151 -14.68 16.79 11.25
CA ILE A 151 -15.46 15.57 11.27
C ILE A 151 -14.50 14.45 10.86
N ARG A 152 -14.51 13.35 11.59
CA ARG A 152 -13.64 12.21 11.27
C ARG A 152 -14.30 11.25 10.28
N VAL A 153 -13.49 10.65 9.41
CA VAL A 153 -14.01 9.70 8.46
C VAL A 153 -13.08 8.51 8.32
N ASN A 154 -13.62 7.32 8.54
CA ASN A 154 -12.84 6.09 8.44
C ASN A 154 -13.65 4.99 7.74
N ALA A 155 -13.01 3.85 7.50
CA ALA A 155 -13.69 2.71 6.90
C ALA A 155 -13.27 1.43 7.61
N ILE A 156 -14.24 0.53 7.77
CA ILE A 156 -13.98 -0.82 8.27
C ILE A 156 -13.93 -1.74 7.06
N SER A 157 -12.92 -2.60 7.04
CA SER A 157 -12.73 -3.53 5.94
C SER A 157 -12.84 -4.97 6.45
N PRO A 158 -14.04 -5.55 6.38
CA PRO A 158 -14.25 -6.90 6.94
C PRO A 158 -13.71 -8.00 6.03
N GLY A 159 -13.39 -9.13 6.66
CA GLY A 159 -13.19 -10.38 5.95
C GLY A 159 -14.48 -11.17 6.06
N LEU A 160 -14.47 -12.43 5.63
CA LEU A 160 -15.69 -13.22 5.55
C LEU A 160 -16.39 -13.23 6.90
N THR A 161 -17.66 -12.86 6.90
CA THR A 161 -18.45 -12.79 8.12
C THR A 161 -19.80 -13.49 7.91
N LYS A 162 -20.23 -14.28 8.89
CA LYS A 162 -21.48 -15.01 8.80
C LYS A 162 -22.68 -14.07 8.96
N THR A 163 -23.30 -13.72 7.83
CA THR A 163 -24.47 -12.83 7.83
C THR A 163 -25.46 -13.23 6.75
N GLU A 164 -26.57 -12.50 6.68
CA GLU A 164 -27.59 -12.72 5.67
C GLU A 164 -27.09 -12.38 4.27
N ALA A 165 -25.88 -11.83 4.19
CA ALA A 165 -25.29 -11.48 2.91
C ALA A 165 -25.20 -12.69 1.96
N TYR A 166 -25.15 -13.88 2.52
CA TYR A 166 -24.97 -15.09 1.73
C TYR A 166 -26.24 -15.93 1.68
N LYS A 167 -27.36 -15.34 2.11
CA LYS A 167 -28.62 -16.07 2.22
C LYS A 167 -29.03 -16.76 0.92
N GLY A 168 -28.51 -16.28 -0.20
CA GLY A 168 -28.93 -16.79 -1.50
C GLY A 168 -27.98 -17.78 -2.14
N MET A 169 -27.16 -18.43 -1.33
CA MET A 169 -26.31 -19.51 -1.83
C MET A 169 -26.97 -20.85 -1.60
N ASN A 170 -26.65 -21.83 -2.44
CA ASN A 170 -27.05 -23.21 -2.18
C ASN A 170 -26.51 -23.61 -0.81
N ALA A 171 -27.42 -23.89 0.12
CA ALA A 171 -27.04 -24.13 1.51
C ALA A 171 -25.81 -25.06 1.60
N ASP A 172 -25.72 -26.01 0.69
CA ASP A 172 -24.56 -26.90 0.64
C ASP A 172 -23.32 -26.07 0.34
N ASP A 173 -23.47 -25.12 -0.58
CA ASP A 173 -22.37 -24.25 -0.99
C ASP A 173 -21.88 -23.37 0.16
N ARG A 174 -22.81 -22.71 0.84
CA ARG A 174 -22.47 -21.76 1.88
C ARG A 174 -21.69 -22.43 3.00
N ASP A 175 -22.17 -23.60 3.44
CA ASP A 175 -21.47 -24.35 4.49
C ASP A 175 -20.05 -24.68 4.06
N ALA A 176 -19.89 -25.08 2.80
CA ALA A 176 -18.58 -25.39 2.25
C ALA A 176 -17.68 -24.14 2.26
N MET A 177 -18.25 -23.00 1.89
CA MET A 177 -17.51 -21.74 1.92
C MET A 177 -17.03 -21.43 3.33
N TYR A 178 -17.95 -21.54 4.30
CA TYR A 178 -17.63 -21.26 5.70
C TYR A 178 -16.56 -22.21 6.24
N GLN A 179 -16.70 -23.49 5.93
CA GLN A 179 -15.77 -24.50 6.43
C GLN A 179 -14.38 -24.35 5.82
N ARG A 180 -14.33 -24.04 4.53
CA ARG A 180 -13.04 -23.88 3.85
C ARG A 180 -12.29 -22.66 4.38
N THR A 181 -13.03 -21.58 4.65
CA THR A 181 -12.43 -20.36 5.18
C THR A 181 -11.93 -20.60 6.60
N GLN A 182 -12.80 -21.18 7.42
CA GLN A 182 -12.43 -21.54 8.78
C GLN A 182 -11.18 -22.43 8.79
N SER A 183 -11.01 -23.22 7.74
CA SER A 183 -9.91 -24.17 7.66
C SER A 183 -8.59 -23.49 7.29
N HIS A 184 -8.66 -22.40 6.52
CA HIS A 184 -7.47 -21.82 5.95
C HIS A 184 -7.00 -20.54 6.65
N LEU A 185 -7.88 -19.88 7.38
CA LEU A 185 -7.52 -18.61 8.04
C LEU A 185 -6.65 -18.83 9.26
N PRO A 186 -5.61 -18.00 9.42
CA PRO A 186 -4.75 -18.05 10.61
C PRO A 186 -5.54 -18.14 11.93
N VAL A 187 -6.66 -17.43 12.06
CA VAL A 187 -7.41 -17.44 13.32
C VAL A 187 -8.31 -18.67 13.45
N GLY A 188 -8.46 -19.43 12.37
CA GLY A 188 -9.16 -20.70 12.42
C GLY A 188 -10.65 -20.58 12.70
N LYS A 189 -11.27 -19.46 12.31
CA LYS A 189 -12.70 -19.30 12.43
C LYS A 189 -13.21 -18.34 11.37
N VAL A 190 -14.51 -18.40 11.07
CA VAL A 190 -15.15 -17.35 10.29
C VAL A 190 -15.53 -16.19 11.21
N GLY A 191 -15.57 -14.98 10.68
CA GLY A 191 -15.93 -13.82 11.48
C GLY A 191 -17.38 -13.87 11.94
N GLU A 192 -17.64 -13.35 13.14
CA GLU A 192 -19.01 -13.12 13.58
C GLU A 192 -19.35 -11.64 13.47
N ALA A 193 -20.61 -11.31 13.28
CA ALA A 193 -20.98 -9.92 13.11
C ALA A 193 -20.43 -9.08 14.28
N SER A 194 -20.44 -9.62 15.49
CA SER A 194 -20.00 -8.85 16.64
C SER A 194 -18.50 -8.48 16.55
N ASP A 195 -17.70 -9.34 15.94
CA ASP A 195 -16.26 -9.06 15.75
C ASP A 195 -16.09 -7.82 14.88
N ILE A 196 -16.94 -7.67 13.87
CA ILE A 196 -16.80 -6.55 12.95
C ILE A 196 -17.40 -5.29 13.59
N ALA A 197 -18.53 -5.45 14.26
CA ALA A 197 -19.15 -4.34 14.95
C ALA A 197 -18.13 -3.67 15.87
N MET A 198 -17.33 -4.47 16.55
CA MET A 198 -16.35 -3.96 17.51
C MET A 198 -15.48 -2.88 16.87
N ALA A 199 -15.15 -3.08 15.60
CA ALA A 199 -14.29 -2.15 14.86
C ALA A 199 -14.98 -0.80 14.61
N TYR A 200 -16.29 -0.81 14.28
CA TYR A 200 -16.98 0.47 14.13
C TYR A 200 -16.98 1.22 15.46
N LEU A 201 -17.23 0.51 16.54
CA LEU A 201 -17.27 1.16 17.85
C LEU A 201 -15.94 1.82 18.14
N PHE A 202 -14.87 1.14 17.75
CA PHE A 202 -13.52 1.68 17.95
C PHE A 202 -13.34 2.97 17.14
N ALA A 203 -13.74 2.95 15.87
CA ALA A 203 -13.66 4.14 15.02
C ALA A 203 -14.50 5.30 15.58
N ILE A 204 -15.66 4.99 16.09
CA ILE A 204 -16.53 5.99 16.69
C ILE A 204 -15.90 6.60 17.95
N GLN A 205 -15.26 5.76 18.75
CA GLN A 205 -14.72 6.19 20.03
C GLN A 205 -13.42 6.99 19.92
N ASN A 206 -12.64 6.76 18.87
CA ASN A 206 -11.27 7.30 18.86
C ASN A 206 -11.12 8.66 18.20
N SER A 207 -11.00 9.69 19.04
CA SER A 207 -10.95 11.08 18.57
C SER A 207 -9.65 11.41 17.83
N TYR A 208 -8.70 10.48 17.81
CA TYR A 208 -7.44 10.71 17.11
C TYR A 208 -7.32 9.88 15.85
N MET A 209 -8.43 9.32 15.37
CA MET A 209 -8.38 8.51 14.16
C MET A 209 -9.22 9.06 13.04
N THR A 210 -8.60 9.32 11.90
CA THR A 210 -9.34 9.76 10.73
C THR A 210 -8.55 9.43 9.49
N GLY A 211 -9.25 9.06 8.43
CA GLY A 211 -8.62 8.71 7.17
C GLY A 211 -8.07 7.30 7.18
N THR A 212 -8.50 6.51 8.15
CA THR A 212 -7.95 5.17 8.39
C THR A 212 -8.90 4.06 7.92
N VAL A 213 -8.30 2.96 7.45
CA VAL A 213 -9.04 1.77 7.02
C VAL A 213 -8.63 0.64 7.95
N ILE A 214 -9.58 0.11 8.69
CA ILE A 214 -9.30 -0.92 9.69
C ILE A 214 -9.69 -2.29 9.16
N ASP A 215 -8.71 -3.19 9.03
CA ASP A 215 -8.95 -4.54 8.56
C ASP A 215 -9.32 -5.45 9.73
N VAL A 216 -10.41 -6.18 9.58
CA VAL A 216 -10.79 -7.21 10.54
C VAL A 216 -11.17 -8.43 9.70
N ASP A 217 -10.15 -9.18 9.29
CA ASP A 217 -10.31 -10.15 8.22
C ASP A 217 -9.77 -11.53 8.55
N GLY A 218 -9.44 -11.78 9.81
CA GLY A 218 -9.03 -13.11 10.23
C GLY A 218 -7.69 -13.54 9.65
N GLY A 219 -6.98 -12.62 9.01
CA GLY A 219 -5.69 -12.93 8.41
C GLY A 219 -5.75 -13.24 6.93
N ALA A 220 -6.92 -13.07 6.32
CA ALA A 220 -7.11 -13.42 4.91
C ALA A 220 -6.10 -12.69 4.01
N LEU A 221 -5.83 -11.43 4.32
CA LEU A 221 -4.90 -10.64 3.52
C LEU A 221 -3.49 -11.23 3.51
N LEU A 222 -3.17 -12.07 4.49
CA LEU A 222 -1.83 -12.65 4.58
C LEU A 222 -1.60 -13.73 3.53
N GLY A 223 -2.69 -14.18 2.91
CA GLY A 223 -2.60 -15.17 1.84
C GLY A 223 -2.23 -16.57 2.34
N ASP B 5 -7.11 -17.90 37.70
CA ASP B 5 -6.66 -17.85 36.31
C ASP B 5 -6.95 -16.48 35.69
N LYS B 6 -6.15 -15.49 36.05
CA LYS B 6 -6.28 -14.15 35.49
C LYS B 6 -5.54 -14.03 34.17
N THR B 7 -5.90 -13.02 33.38
CA THR B 7 -5.22 -12.80 32.11
C THR B 7 -3.98 -11.96 32.35
N VAL B 8 -2.83 -12.45 31.86
CA VAL B 8 -1.56 -11.81 32.15
C VAL B 8 -1.02 -11.06 30.94
N TYR B 9 -0.65 -9.80 31.16
CA TYR B 9 -0.12 -8.96 30.10
C TYR B 9 1.34 -8.71 30.36
N VAL B 10 2.12 -8.58 29.29
CA VAL B 10 3.50 -8.10 29.40
C VAL B 10 3.63 -6.91 28.51
N VAL B 11 4.07 -5.80 29.07
CA VAL B 11 4.26 -4.59 28.26
C VAL B 11 5.72 -4.18 28.32
N LEU B 12 6.48 -4.57 27.30
CA LEU B 12 7.87 -4.16 27.18
C LEU B 12 7.91 -2.74 26.64
N GLY B 13 8.38 -1.82 27.48
CA GLY B 13 8.19 -0.41 27.21
C GLY B 13 7.06 0.18 28.06
N GLY B 14 6.51 -0.64 28.94
CA GLY B 14 5.35 -0.23 29.75
C GLY B 14 5.66 0.71 30.91
N THR B 15 6.88 1.24 30.97
CA THR B 15 7.29 2.11 32.07
C THR B 15 7.22 3.58 31.70
N SER B 16 6.78 3.89 30.48
CA SER B 16 6.73 5.26 30.00
C SER B 16 5.67 5.42 28.90
N GLY B 17 5.21 6.65 28.72
CA GLY B 17 4.42 7.04 27.56
C GLY B 17 3.27 6.11 27.23
N ILE B 18 3.16 5.77 25.95
CA ILE B 18 2.06 4.94 25.47
C ILE B 18 1.98 3.60 26.21
N GLY B 19 3.12 2.93 26.38
CA GLY B 19 3.13 1.65 27.06
C GLY B 19 2.63 1.76 28.49
N ALA B 20 3.02 2.80 29.20
CA ALA B 20 2.60 3.00 30.59
C ALA B 20 1.10 3.29 30.67
N GLU B 21 0.59 4.10 29.74
CA GLU B 21 -0.83 4.41 29.75
C GLU B 21 -1.65 3.12 29.52
N LEU B 22 -1.22 2.32 28.56
CA LEU B 22 -1.86 1.03 28.31
C LEU B 22 -1.81 0.14 29.54
N ALA B 23 -0.66 0.09 30.21
CA ALA B 23 -0.55 -0.69 31.43
C ALA B 23 -1.57 -0.21 32.47
N LYS B 24 -1.69 1.10 32.64
CA LYS B 24 -2.65 1.65 33.57
C LYS B 24 -4.08 1.19 33.23
N GLN B 25 -4.45 1.24 31.96
CA GLN B 25 -5.80 0.84 31.53
C GLN B 25 -6.04 -0.66 31.61
N LEU B 26 -4.96 -1.45 31.62
CA LEU B 26 -5.10 -2.90 31.66
C LEU B 26 -5.31 -3.43 33.08
N GLU B 27 -4.99 -2.61 34.08
CA GLU B 27 -5.09 -3.05 35.46
C GLU B 27 -6.54 -3.40 35.79
N SER B 28 -6.74 -4.54 36.43
CA SER B 28 -8.08 -5.01 36.75
C SER B 28 -8.03 -6.15 37.77
N GLU B 29 -9.18 -6.46 38.37
CA GLU B 29 -9.25 -7.54 39.35
C GLU B 29 -9.00 -8.88 38.69
N HIS B 30 -9.23 -8.97 37.37
CA HIS B 30 -9.04 -10.23 36.66
C HIS B 30 -7.82 -10.21 35.71
N THR B 31 -6.89 -9.28 35.93
CA THR B 31 -5.66 -9.26 35.12
C THR B 31 -4.39 -9.10 35.97
N ILE B 32 -3.27 -9.54 35.42
CA ILE B 32 -1.96 -9.24 36.00
C ILE B 32 -1.17 -8.54 34.90
N VAL B 33 -0.61 -7.38 35.20
CA VAL B 33 0.11 -6.61 34.21
C VAL B 33 1.58 -6.49 34.59
N HIS B 34 2.46 -6.97 33.71
CA HIS B 34 3.89 -6.81 33.89
C HIS B 34 4.38 -5.75 32.93
N VAL B 35 5.18 -4.81 33.43
CA VAL B 35 5.84 -3.83 32.57
C VAL B 35 7.35 -4.01 32.77
N ALA B 36 8.13 -3.61 31.77
CA ALA B 36 9.56 -3.82 31.84
C ALA B 36 10.31 -2.96 30.83
N SER B 37 11.48 -2.48 31.24
CA SER B 37 12.37 -1.74 30.37
C SER B 37 13.74 -1.76 31.01
N ARG B 38 14.66 -0.96 30.48
CA ARG B 38 16.01 -0.93 31.02
C ARG B 38 15.99 -0.61 32.52
N GLN B 39 15.12 0.31 32.93
CA GLN B 39 15.09 0.73 34.32
C GLN B 39 14.61 -0.39 35.24
N THR B 40 14.00 -1.44 34.68
CA THR B 40 13.59 -2.60 35.48
C THR B 40 14.53 -3.79 35.27
N GLY B 41 15.57 -3.61 34.48
CA GLY B 41 16.54 -4.67 34.27
C GLY B 41 16.33 -5.48 32.99
N LEU B 42 15.49 -4.98 32.10
CA LEU B 42 15.34 -5.61 30.80
C LEU B 42 15.85 -4.70 29.71
N ASP B 43 16.90 -5.12 29.01
CA ASP B 43 17.38 -4.41 27.83
C ASP B 43 16.94 -5.21 26.61
N ILE B 44 15.91 -4.73 25.92
CA ILE B 44 15.24 -5.56 24.94
C ILE B 44 16.14 -5.80 23.73
N SER B 45 17.23 -5.05 23.63
CA SER B 45 18.17 -5.22 22.51
C SER B 45 19.14 -6.37 22.79
N ASP B 46 19.10 -6.90 24.00
CA ASP B 46 20.07 -7.89 24.44
C ASP B 46 19.43 -9.27 24.58
N GLU B 47 19.71 -10.18 23.64
CA GLU B 47 18.99 -11.45 23.59
C GLU B 47 18.94 -12.20 24.94
N LYS B 48 20.08 -12.34 25.62
CA LYS B 48 20.06 -13.07 26.88
C LYS B 48 19.20 -12.40 27.95
N SER B 49 19.14 -11.07 27.94
CA SER B 49 18.27 -10.33 28.87
C SER B 49 16.79 -10.62 28.57
N VAL B 50 16.44 -10.64 27.29
CA VAL B 50 15.07 -10.95 26.88
C VAL B 50 14.71 -12.37 27.26
N TYR B 51 15.60 -13.33 26.95
CA TYR B 51 15.36 -14.72 27.30
C TYR B 51 15.19 -14.84 28.83
N HIS B 52 16.08 -14.21 29.57
CA HIS B 52 16.00 -14.26 31.03
C HIS B 52 14.64 -13.74 31.51
N TYR B 53 14.21 -12.63 30.93
CA TYR B 53 12.96 -11.99 31.33
C TYR B 53 11.77 -12.94 31.20
N PHE B 54 11.60 -13.55 30.02
CA PHE B 54 10.46 -14.43 29.83
C PHE B 54 10.51 -15.70 30.70
N GLU B 55 11.72 -16.17 31.03
CA GLU B 55 11.83 -17.25 32.03
C GLU B 55 11.20 -16.82 33.37
N THR B 56 11.41 -15.56 33.76
CA THR B 56 10.90 -15.07 35.05
C THR B 56 9.38 -14.91 35.05
N ILE B 57 8.80 -14.69 33.87
CA ILE B 57 7.36 -14.46 33.77
C ILE B 57 6.57 -15.76 33.63
N GLY B 58 7.00 -16.66 32.76
CA GLY B 58 6.26 -17.88 32.52
C GLY B 58 5.06 -17.65 31.61
N ALA B 59 4.14 -18.61 31.59
CA ALA B 59 2.99 -18.56 30.69
C ALA B 59 2.23 -17.25 30.85
N PHE B 60 1.89 -16.62 29.73
CA PHE B 60 1.08 -15.41 29.78
C PHE B 60 0.24 -15.31 28.50
N ASP B 61 -0.57 -14.26 28.40
CA ASP B 61 -1.62 -14.20 27.38
C ASP B 61 -1.31 -13.23 26.27
N HIS B 62 -0.88 -12.04 26.63
CA HIS B 62 -0.69 -11.00 25.62
C HIS B 62 0.61 -10.25 25.81
N LEU B 63 1.37 -10.15 24.72
CA LEU B 63 2.63 -9.43 24.66
C LEU B 63 2.44 -8.12 23.91
N ILE B 64 2.86 -7.02 24.51
CA ILE B 64 2.84 -5.74 23.84
C ILE B 64 4.23 -5.13 23.90
N VAL B 65 4.73 -4.68 22.75
CA VAL B 65 6.04 -4.04 22.71
C VAL B 65 5.87 -2.59 22.23
N THR B 66 6.24 -1.65 23.10
CA THR B 66 6.29 -0.24 22.74
C THR B 66 7.71 0.31 22.89
N ALA B 67 8.67 -0.54 23.24
CA ALA B 67 10.02 -0.09 23.57
C ALA B 67 10.76 0.55 22.39
N GLY B 68 11.49 1.62 22.66
CA GLY B 68 12.42 2.16 21.68
C GLY B 68 11.91 3.33 20.88
N SER B 69 11.70 4.47 21.53
CA SER B 69 11.22 5.65 20.82
C SER B 69 12.35 6.46 20.17
N TYR B 70 13.60 6.19 20.56
CA TYR B 70 14.73 6.97 20.07
C TYR B 70 15.09 6.69 18.61
N ALA B 71 15.49 7.73 17.89
CA ALA B 71 16.18 7.56 16.62
C ALA B 71 16.93 8.86 16.29
N PRO B 72 18.08 8.75 15.63
CA PRO B 72 18.80 9.95 15.21
C PRO B 72 18.12 10.63 14.02
N ALA B 73 17.67 11.86 14.20
CA ALA B 73 17.01 12.61 13.14
C ALA B 73 18.05 13.14 12.15
N GLY B 74 17.62 13.42 10.92
CA GLY B 74 18.49 14.03 9.94
C GLY B 74 18.48 13.31 8.61
N LYS B 75 19.06 13.94 7.60
CA LYS B 75 19.12 13.36 6.27
C LYS B 75 20.01 12.12 6.23
N VAL B 76 19.73 11.23 5.29
CA VAL B 76 20.57 10.07 5.06
C VAL B 76 22.04 10.47 5.00
N VAL B 77 22.33 11.57 4.32
CA VAL B 77 23.72 11.97 4.11
C VAL B 77 24.40 12.49 5.39
N ASP B 78 23.60 12.82 6.40
CA ASP B 78 24.13 13.45 7.61
C ASP B 78 24.15 12.53 8.83
N VAL B 79 23.26 11.53 8.85
CA VAL B 79 23.06 10.72 10.05
C VAL B 79 24.23 9.76 10.32
N GLU B 80 24.59 9.61 11.59
CA GLU B 80 25.64 8.69 11.98
C GLU B 80 25.10 7.26 11.96
N VAL B 81 25.66 6.44 11.08
CA VAL B 81 25.17 5.08 10.90
C VAL B 81 25.26 4.23 12.18
N THR B 82 26.25 4.49 13.01
CA THR B 82 26.34 3.78 14.28
C THR B 82 25.12 4.06 15.16
N GLN B 83 24.69 5.32 15.19
CA GLN B 83 23.52 5.70 15.97
C GLN B 83 22.25 5.11 15.36
N ALA B 84 22.20 5.09 14.04
CA ALA B 84 21.04 4.55 13.32
C ALA B 84 20.90 3.06 13.63
N LYS B 85 22.02 2.34 13.63
CA LYS B 85 22.00 0.92 13.95
C LYS B 85 21.61 0.71 15.41
N TYR B 86 22.05 1.61 16.28
CA TYR B 86 21.63 1.51 17.68
C TYR B 86 20.10 1.61 17.79
N ALA B 87 19.52 2.54 17.04
CA ALA B 87 18.07 2.68 17.08
C ALA B 87 17.39 1.39 16.63
N PHE B 88 17.84 0.85 15.50
CA PHE B 88 17.34 -0.43 15.00
C PHE B 88 17.48 -1.55 16.05
N ASP B 89 18.60 -1.56 16.77
CA ASP B 89 18.88 -2.64 17.70
C ASP B 89 17.84 -2.74 18.79
N THR B 90 17.28 -1.61 19.19
CA THR B 90 16.28 -1.63 20.25
C THR B 90 14.87 -1.84 19.70
N LYS B 91 14.40 -0.94 18.84
CA LYS B 91 13.02 -0.97 18.39
C LYS B 91 12.76 -2.13 17.42
N PHE B 92 13.60 -2.29 16.41
CA PHE B 92 13.35 -3.39 15.48
C PHE B 92 13.82 -4.75 16.02
N TRP B 93 15.10 -4.90 16.31
CA TRP B 93 15.60 -6.19 16.74
C TRP B 93 15.05 -6.56 18.11
N GLY B 94 14.75 -5.57 18.94
CA GLY B 94 14.11 -5.85 20.22
C GLY B 94 12.75 -6.51 20.04
N ALA B 95 11.96 -6.01 19.09
CA ALA B 95 10.68 -6.64 18.79
C ALA B 95 10.89 -8.06 18.27
N VAL B 96 11.90 -8.24 17.42
CA VAL B 96 12.19 -9.55 16.89
C VAL B 96 12.54 -10.51 18.03
N LEU B 97 13.39 -10.07 18.95
CA LEU B 97 13.84 -10.89 20.07
C LEU B 97 12.68 -11.23 20.99
N ALA B 98 11.81 -10.25 21.23
CA ALA B 98 10.68 -10.43 22.14
C ALA B 98 9.72 -11.49 21.60
N ALA B 99 9.46 -11.46 20.31
CA ALA B 99 8.57 -12.45 19.70
C ALA B 99 9.25 -13.82 19.73
N LYS B 100 10.54 -13.82 19.40
CA LYS B 100 11.30 -15.06 19.29
C LYS B 100 11.28 -15.86 20.59
N HIS B 101 11.45 -15.20 21.73
CA HIS B 101 11.54 -15.89 23.01
C HIS B 101 10.23 -15.86 23.80
N GLY B 102 9.42 -14.83 23.55
CA GLY B 102 8.14 -14.73 24.22
C GLY B 102 7.10 -15.68 23.66
N ALA B 103 7.16 -15.95 22.36
CA ALA B 103 6.07 -16.66 21.69
C ALA B 103 5.75 -18.01 22.36
N ARG B 104 6.75 -18.76 22.80
CA ARG B 104 6.49 -20.09 23.34
C ARG B 104 5.69 -20.09 24.66
N TYR B 105 5.67 -18.94 25.33
CA TYR B 105 4.94 -18.79 26.60
C TYR B 105 3.48 -18.31 26.43
N LEU B 106 3.08 -18.01 25.19
CA LEU B 106 1.73 -17.45 24.94
C LEU B 106 0.64 -18.51 25.06
N LYS B 107 -0.33 -18.26 25.93
CA LYS B 107 -1.43 -19.19 26.15
C LYS B 107 -2.45 -19.14 24.99
N GLN B 108 -3.25 -20.19 24.87
CA GLN B 108 -4.29 -20.26 23.85
C GLN B 108 -5.11 -18.98 23.84
N GLY B 109 -5.31 -18.44 22.65
CA GLY B 109 -6.07 -17.20 22.49
C GLY B 109 -5.26 -15.94 22.68
N GLY B 110 -3.95 -16.11 22.85
CA GLY B 110 -3.08 -14.97 23.10
C GLY B 110 -2.70 -14.22 21.84
N SER B 111 -1.89 -13.17 21.99
CA SER B 111 -1.60 -12.27 20.90
C SER B 111 -0.30 -11.53 21.18
N ILE B 112 0.30 -11.03 20.11
CA ILE B 112 1.41 -10.10 20.20
C ILE B 112 0.99 -8.82 19.49
N THR B 113 1.20 -7.68 20.14
CA THR B 113 0.98 -6.38 19.49
C THR B 113 2.26 -5.54 19.50
N LEU B 114 2.76 -5.20 18.32
CA LEU B 114 3.98 -4.42 18.20
C LEU B 114 3.64 -2.96 17.88
N THR B 115 4.65 -2.11 17.80
CA THR B 115 4.41 -0.71 17.50
C THR B 115 5.28 -0.27 16.34
N SER B 116 4.66 0.37 15.34
CA SER B 116 5.45 0.97 14.27
C SER B 116 5.35 2.48 14.37
N GLY B 117 4.61 3.11 13.45
CA GLY B 117 4.48 4.56 13.45
C GLY B 117 4.26 5.06 12.03
N MET B 118 3.50 6.15 11.91
CA MET B 118 3.07 6.66 10.61
C MET B 118 4.19 6.92 9.61
N LEU B 119 5.43 7.10 10.07
CA LEU B 119 6.52 7.39 9.14
C LEU B 119 6.94 6.17 8.30
N SER B 120 6.38 5.00 8.59
CA SER B 120 6.58 3.86 7.69
C SER B 120 6.07 4.24 6.30
N ARG B 121 4.99 5.03 6.28
CA ARG B 121 4.28 5.29 5.03
C ARG B 121 4.13 6.77 4.68
N LYS B 122 4.22 7.66 5.68
CA LYS B 122 4.26 9.10 5.39
C LYS B 122 5.71 9.49 5.10
N VAL B 123 5.99 9.93 3.88
CA VAL B 123 7.35 10.23 3.49
C VAL B 123 7.73 11.64 3.94
N VAL B 124 8.70 11.75 4.85
CA VAL B 124 9.11 13.03 5.41
C VAL B 124 10.63 13.13 5.41
N ALA B 125 11.17 14.24 4.90
CA ALA B 125 12.63 14.42 4.91
C ALA B 125 13.16 14.31 6.35
N ASN B 126 14.38 13.79 6.50
CA ASN B 126 15.05 13.72 7.79
C ASN B 126 14.54 12.60 8.71
N THR B 127 13.81 11.64 8.17
CA THR B 127 13.23 10.59 9.00
C THR B 127 13.55 9.16 8.56
N TYR B 128 14.61 8.96 7.77
CA TYR B 128 14.81 7.60 7.23
C TYR B 128 14.95 6.53 8.31
N VAL B 129 15.57 6.85 9.43
CA VAL B 129 15.78 5.83 10.43
C VAL B 129 14.43 5.38 10.99
N LYS B 130 13.62 6.32 11.46
CA LYS B 130 12.28 5.97 11.94
C LYS B 130 11.44 5.27 10.86
N ALA B 131 11.54 5.74 9.62
CA ALA B 131 10.72 5.21 8.52
C ALA B 131 11.09 3.77 8.24
N ALA B 132 12.39 3.51 8.16
CA ALA B 132 12.89 2.16 7.86
C ALA B 132 12.56 1.19 8.99
N ILE B 133 12.77 1.63 10.23
CA ILE B 133 12.41 0.80 11.38
C ILE B 133 10.94 0.41 11.31
N ASN B 134 10.07 1.40 11.14
CA ASN B 134 8.64 1.14 11.15
C ASN B 134 8.16 0.26 10.00
N ALA B 135 8.73 0.49 8.81
CA ALA B 135 8.42 -0.37 7.67
C ALA B 135 8.85 -1.82 7.96
N ALA B 136 10.01 -1.98 8.57
CA ALA B 136 10.49 -3.32 8.92
C ALA B 136 9.59 -3.97 9.96
N ILE B 137 9.17 -3.20 10.97
CA ILE B 137 8.22 -3.70 11.97
C ILE B 137 6.91 -4.19 11.32
N GLU B 138 6.36 -3.40 10.41
CA GLU B 138 5.07 -3.74 9.82
C GLU B 138 5.21 -5.01 8.96
N ALA B 139 6.30 -5.13 8.20
CA ALA B 139 6.48 -6.35 7.41
C ALA B 139 6.66 -7.59 8.29
N THR B 140 7.41 -7.44 9.38
CA THR B 140 7.69 -8.54 10.28
C THR B 140 6.46 -8.95 11.08
N THR B 141 5.61 -7.98 11.39
CA THR B 141 4.33 -8.22 12.04
C THR B 141 3.53 -9.21 11.21
N LYS B 142 3.49 -9.00 9.89
CA LYS B 142 2.63 -9.84 9.06
C LYS B 142 3.21 -11.24 8.90
N VAL B 143 4.54 -11.33 8.79
CA VAL B 143 5.18 -12.64 8.72
C VAL B 143 4.93 -13.42 10.02
N LEU B 144 5.08 -12.73 11.14
CA LEU B 144 4.80 -13.35 12.43
C LEU B 144 3.37 -13.85 12.53
N ALA B 145 2.41 -13.06 12.03
CA ALA B 145 1.01 -13.45 12.09
C ALA B 145 0.81 -14.76 11.34
N LYS B 146 1.50 -14.90 10.22
CA LYS B 146 1.40 -16.14 9.46
C LYS B 146 2.07 -17.28 10.23
N GLU B 147 3.26 -17.03 10.80
CA GLU B 147 4.04 -18.11 11.40
C GLU B 147 3.52 -18.53 12.77
N LEU B 148 2.92 -17.61 13.52
CA LEU B 148 2.54 -17.93 14.90
C LEU B 148 1.06 -18.31 15.05
N ALA B 149 0.31 -18.24 13.95
CA ALA B 149 -1.13 -18.58 13.99
C ALA B 149 -1.31 -19.92 14.73
N PRO B 150 -2.37 -20.04 15.56
CA PRO B 150 -3.50 -19.14 15.78
C PRO B 150 -3.23 -17.99 16.74
N ILE B 151 -2.01 -17.87 17.24
CA ILE B 151 -1.63 -16.70 18.01
C ILE B 151 -1.79 -15.51 17.06
N ARG B 152 -2.43 -14.45 17.52
CA ARG B 152 -2.68 -13.29 16.66
C ARG B 152 -1.55 -12.27 16.80
N VAL B 153 -1.12 -11.68 15.69
CA VAL B 153 -0.05 -10.69 15.73
C VAL B 153 -0.43 -9.45 14.93
N ASN B 154 -0.45 -8.31 15.61
CA ASN B 154 -0.83 -7.03 15.00
C ASN B 154 0.14 -5.93 15.41
N ALA B 155 -0.06 -4.74 14.85
CA ALA B 155 0.77 -3.59 15.21
C ALA B 155 -0.04 -2.30 15.20
N ILE B 156 0.28 -1.42 16.15
CA ILE B 156 -0.32 -0.11 16.24
C ILE B 156 0.66 0.89 15.64
N SER B 157 0.15 1.77 14.79
CA SER B 157 0.99 2.80 14.17
C SER B 157 0.58 4.20 14.60
N PRO B 158 1.21 4.72 15.66
CA PRO B 158 0.84 6.06 16.14
C PRO B 158 1.31 7.20 15.27
N GLY B 159 0.57 8.31 15.33
CA GLY B 159 1.07 9.60 14.92
C GLY B 159 1.54 10.34 16.16
N LEU B 160 1.84 11.63 16.02
CA LEU B 160 2.44 12.40 17.11
C LEU B 160 1.59 12.28 18.37
N THR B 161 2.23 11.86 19.46
CA THR B 161 1.56 11.66 20.74
C THR B 161 2.39 12.32 21.83
N LYS B 162 1.71 12.98 22.78
CA LYS B 162 2.40 13.70 23.85
C LYS B 162 2.90 12.73 24.90
N THR B 163 4.20 12.44 24.88
CA THR B 163 4.81 11.51 25.83
C THR B 163 6.24 11.91 26.18
N GLU B 164 6.87 11.10 27.02
CA GLU B 164 8.25 11.36 27.44
C GLU B 164 9.22 11.21 26.27
N ALA B 165 8.74 10.69 25.15
CA ALA B 165 9.58 10.51 23.97
C ALA B 165 10.28 11.80 23.53
N TYR B 166 9.71 12.95 23.87
CA TYR B 166 10.25 14.23 23.42
C TYR B 166 10.89 15.04 24.56
N LYS B 167 11.23 14.35 25.65
CA LYS B 167 11.76 15.02 26.83
C LYS B 167 13.07 15.75 26.55
N GLY B 168 13.85 15.24 25.60
CA GLY B 168 15.16 15.80 25.33
C GLY B 168 15.15 17.00 24.40
N MET B 169 13.96 17.51 24.09
CA MET B 169 13.84 18.71 23.25
C MET B 169 13.88 19.96 24.12
N ASN B 170 14.46 21.03 23.57
CA ASN B 170 14.33 22.34 24.20
C ASN B 170 12.85 22.64 24.40
N ALA B 171 12.42 22.70 25.65
CA ALA B 171 11.00 22.84 25.98
C ALA B 171 10.28 23.91 25.16
N ASP B 172 11.05 24.75 24.46
CA ASP B 172 10.46 25.73 23.56
C ASP B 172 10.13 25.08 22.22
N ASP B 173 11.12 24.38 21.66
CA ASP B 173 10.96 23.73 20.37
C ASP B 173 9.91 22.60 20.43
N ARG B 174 9.76 21.99 21.60
CA ARG B 174 8.78 20.91 21.77
C ARG B 174 7.36 21.48 21.75
N ASP B 175 7.20 22.69 22.28
CA ASP B 175 5.91 23.36 22.24
C ASP B 175 5.61 23.82 20.82
N ALA B 176 6.63 24.29 20.11
CA ALA B 176 6.48 24.67 18.70
C ALA B 176 6.02 23.47 17.89
N MET B 177 6.55 22.30 18.23
CA MET B 177 6.23 21.08 17.51
C MET B 177 4.78 20.68 17.73
N TYR B 178 4.35 20.70 18.99
CA TYR B 178 2.99 20.34 19.34
C TYR B 178 2.00 21.29 18.68
N GLN B 179 2.24 22.60 18.83
CA GLN B 179 1.33 23.60 18.30
C GLN B 179 1.20 23.51 16.78
N ARG B 180 2.33 23.32 16.10
CA ARG B 180 2.34 23.25 14.63
C ARG B 180 1.54 22.06 14.15
N THR B 181 1.67 20.93 14.83
CA THR B 181 0.94 19.72 14.45
C THR B 181 -0.54 19.87 14.75
N GLN B 182 -0.86 20.43 15.91
CA GLN B 182 -2.26 20.67 16.26
C GLN B 182 -2.97 21.48 15.18
N SER B 183 -2.27 22.43 14.57
CA SER B 183 -2.90 23.32 13.61
C SER B 183 -2.93 22.74 12.20
N HIS B 184 -2.08 21.75 11.92
CA HIS B 184 -2.02 21.16 10.60
C HIS B 184 -2.89 19.90 10.49
N LEU B 185 -3.07 19.18 11.58
CA LEU B 185 -3.80 17.93 11.54
C LEU B 185 -5.31 18.13 11.38
N PRO B 186 -5.95 17.26 10.59
CA PRO B 186 -7.41 17.24 10.42
C PRO B 186 -8.20 17.23 11.72
N VAL B 187 -7.79 16.44 12.70
CA VAL B 187 -8.50 16.38 13.99
C VAL B 187 -8.18 17.54 14.93
N GLY B 188 -7.28 18.43 14.51
CA GLY B 188 -7.01 19.67 15.22
C GLY B 188 -6.46 19.51 16.63
N LYS B 189 -5.79 18.38 16.90
CA LYS B 189 -5.18 18.14 18.20
C LYS B 189 -4.00 17.19 18.07
N VAL B 190 -3.10 17.23 19.06
CA VAL B 190 -2.05 16.23 19.16
C VAL B 190 -2.63 15.02 19.85
N GLY B 191 -2.07 13.83 19.59
CA GLY B 191 -2.55 12.63 20.24
C GLY B 191 -2.23 12.62 21.73
N GLU B 192 -3.13 12.03 22.51
CA GLU B 192 -2.84 11.74 23.92
C GLU B 192 -2.53 10.26 24.06
N ALA B 193 -1.72 9.91 25.06
CA ALA B 193 -1.36 8.51 25.26
C ALA B 193 -2.60 7.61 25.31
N SER B 194 -3.70 8.10 25.92
CA SER B 194 -4.90 7.28 26.05
C SER B 194 -5.51 6.93 24.69
N ASP B 195 -5.39 7.85 23.73
CA ASP B 195 -5.92 7.64 22.38
C ASP B 195 -5.25 6.45 21.70
N ILE B 196 -3.94 6.34 21.86
CA ILE B 196 -3.18 5.25 21.26
C ILE B 196 -3.43 3.95 22.01
N ALA B 197 -3.49 4.04 23.34
CA ALA B 197 -3.67 2.86 24.16
C ALA B 197 -4.96 2.14 23.78
N MET B 198 -5.99 2.92 23.45
CA MET B 198 -7.27 2.38 23.03
C MET B 198 -7.10 1.37 21.89
N ALA B 199 -6.18 1.65 20.97
CA ALA B 199 -5.97 0.79 19.81
C ALA B 199 -5.34 -0.57 20.19
N TYR B 200 -4.40 -0.56 21.14
CA TYR B 200 -3.86 -1.81 21.63
C TYR B 200 -4.97 -2.65 22.27
N LEU B 201 -5.86 -2.00 23.04
CA LEU B 201 -6.96 -2.72 23.67
C LEU B 201 -7.86 -3.38 22.62
N PHE B 202 -8.05 -2.68 21.51
CA PHE B 202 -8.87 -3.20 20.42
C PHE B 202 -8.20 -4.40 19.75
N ALA B 203 -6.90 -4.32 19.47
CA ALA B 203 -6.18 -5.46 18.92
C ALA B 203 -6.19 -6.68 19.84
N ILE B 204 -5.97 -6.44 21.14
CA ILE B 204 -6.05 -7.51 22.13
C ILE B 204 -7.45 -8.13 22.17
N GLN B 205 -8.47 -7.30 22.06
CA GLN B 205 -9.85 -7.77 22.23
C GLN B 205 -10.42 -8.52 21.01
N ASN B 206 -9.91 -8.26 19.80
CA ASN B 206 -10.59 -8.77 18.60
C ASN B 206 -10.04 -10.10 18.05
N SER B 207 -10.78 -11.18 18.31
CA SER B 207 -10.36 -12.52 17.92
C SER B 207 -10.39 -12.77 16.41
N TYR B 208 -10.89 -11.82 15.64
CA TYR B 208 -10.89 -11.95 14.17
C TYR B 208 -9.89 -11.03 13.50
N MET B 209 -8.96 -10.45 14.27
CA MET B 209 -7.94 -9.59 13.68
C MET B 209 -6.52 -10.15 13.84
N THR B 210 -5.83 -10.33 12.73
CA THR B 210 -4.42 -10.67 12.78
C THR B 210 -3.74 -10.23 11.49
N GLY B 211 -2.47 -9.87 11.59
CA GLY B 211 -1.72 -9.41 10.43
C GLY B 211 -2.05 -7.97 10.09
N THR B 212 -2.67 -7.27 11.03
CA THR B 212 -3.20 -5.93 10.76
C THR B 212 -2.32 -4.82 11.39
N VAL B 213 -2.23 -3.70 10.68
CA VAL B 213 -1.59 -2.49 11.18
C VAL B 213 -2.66 -1.40 11.35
N ILE B 214 -2.85 -0.95 12.59
CA ILE B 214 -3.87 0.05 12.91
C ILE B 214 -3.27 1.46 13.04
N ASP B 215 -3.68 2.37 12.16
CA ASP B 215 -3.19 3.74 12.24
C ASP B 215 -4.06 4.56 13.18
N VAL B 216 -3.42 5.27 14.10
CA VAL B 216 -4.11 6.26 14.94
C VAL B 216 -3.22 7.49 14.90
N ASP B 217 -3.42 8.34 13.89
CA ASP B 217 -2.44 9.37 13.57
C ASP B 217 -3.05 10.75 13.34
N GLY B 218 -4.31 10.92 13.72
CA GLY B 218 -4.98 12.20 13.62
C GLY B 218 -5.13 12.72 12.20
N GLY B 219 -4.82 11.88 11.22
CA GLY B 219 -4.96 12.24 9.82
C GLY B 219 -3.64 12.60 9.18
N ALA B 220 -2.53 12.37 9.90
CA ALA B 220 -1.20 12.75 9.42
C ALA B 220 -0.89 12.17 8.04
N LEU B 221 -1.26 10.91 7.84
CA LEU B 221 -1.02 10.22 6.57
C LEU B 221 -1.73 10.87 5.38
N LEU B 222 -2.74 11.68 5.65
CA LEU B 222 -3.51 12.30 4.57
C LEU B 222 -2.75 13.45 3.92
N GLY B 223 -1.66 13.87 4.55
CA GLY B 223 -0.79 14.86 3.94
C GLY B 223 -1.28 16.27 4.15
N ASP C 5 4.73 -12.11 -39.33
CA ASP C 5 3.90 -10.95 -39.60
C ASP C 5 4.09 -9.87 -38.53
N LYS C 6 3.50 -8.71 -38.75
CA LYS C 6 3.72 -7.56 -37.89
C LYS C 6 3.03 -7.68 -36.52
N THR C 7 3.59 -7.01 -35.53
CA THR C 7 2.97 -6.92 -34.22
C THR C 7 1.91 -5.83 -34.26
N VAL C 8 0.71 -6.14 -33.78
CA VAL C 8 -0.42 -5.23 -33.90
C VAL C 8 -0.84 -4.61 -32.57
N TYR C 9 -0.97 -3.28 -32.55
CA TYR C 9 -1.34 -2.55 -31.35
C TYR C 9 -2.69 -1.87 -31.51
N VAL C 10 -3.45 -1.83 -30.41
CA VAL C 10 -4.69 -1.06 -30.35
C VAL C 10 -4.55 -0.06 -29.20
N VAL C 11 -4.69 1.22 -29.50
CA VAL C 11 -4.62 2.25 -28.47
C VAL C 11 -5.93 3.00 -28.41
N LEU C 12 -6.75 2.66 -27.41
CA LEU C 12 -8.02 3.35 -27.21
C LEU C 12 -7.74 4.61 -26.39
N GLY C 13 -7.87 5.75 -27.04
CA GLY C 13 -7.40 7.02 -26.50
C GLY C 13 -6.12 7.48 -27.20
N GLY C 14 -5.73 6.79 -28.26
CA GLY C 14 -4.50 7.12 -28.98
C GLY C 14 -4.61 8.24 -29.99
N THR C 15 -5.69 9.03 -29.91
CA THR C 15 -5.85 10.18 -30.79
C THR C 15 -5.40 11.48 -30.14
N SER C 16 -5.09 11.42 -28.85
CA SER C 16 -4.69 12.63 -28.13
C SER C 16 -3.64 12.30 -27.07
N GLY C 17 -2.89 13.32 -26.65
CA GLY C 17 -2.07 13.27 -25.46
C GLY C 17 -1.12 12.10 -25.34
N ILE C 18 -1.18 11.42 -24.20
CA ILE C 18 -0.26 10.33 -23.89
C ILE C 18 -0.41 9.17 -24.87
N GLY C 19 -1.65 8.79 -25.15
CA GLY C 19 -1.93 7.73 -26.09
C GLY C 19 -1.44 7.99 -27.51
N ALA C 20 -1.60 9.22 -27.98
CA ALA C 20 -1.11 9.58 -29.32
C ALA C 20 0.40 9.52 -29.37
N GLU C 21 1.07 10.00 -28.32
CA GLU C 21 2.52 9.96 -28.27
C GLU C 21 3.01 8.51 -28.30
N LEU C 22 2.40 7.64 -27.51
CA LEU C 22 2.75 6.23 -27.51
C LEU C 22 2.58 5.66 -28.92
N ALA C 23 1.43 5.89 -29.54
CA ALA C 23 1.14 5.39 -30.87
C ALA C 23 2.20 5.86 -31.86
N LYS C 24 2.59 7.12 -31.75
CA LYS C 24 3.65 7.69 -32.58
C LYS C 24 4.97 6.94 -32.42
N GLN C 25 5.31 6.62 -31.18
CA GLN C 25 6.58 5.93 -30.91
C GLN C 25 6.53 4.46 -31.34
N LEU C 26 5.32 3.92 -31.46
CA LEU C 26 5.14 2.50 -31.77
C LEU C 26 5.23 2.21 -33.27
N GLU C 27 5.03 3.23 -34.09
CA GLU C 27 4.98 3.03 -35.54
C GLU C 27 6.34 2.65 -36.10
N SER C 28 6.35 1.58 -36.88
CA SER C 28 7.55 1.15 -37.59
C SER C 28 7.17 0.18 -38.68
N GLU C 29 8.14 -0.21 -39.50
CA GLU C 29 7.90 -1.16 -40.58
C GLU C 29 7.39 -2.50 -40.07
N HIS C 30 7.65 -2.80 -38.80
CA HIS C 30 7.31 -4.10 -38.23
C HIS C 30 6.04 -4.08 -37.37
N THR C 31 5.31 -2.97 -37.37
CA THR C 31 4.11 -2.86 -36.56
C THR C 31 2.92 -2.26 -37.29
N ILE C 32 1.73 -2.59 -36.80
CA ILE C 32 0.51 -1.92 -37.18
C ILE C 32 -0.10 -1.34 -35.92
N VAL C 33 -0.36 -0.04 -35.95
CA VAL C 33 -0.85 0.67 -34.77
C VAL C 33 -2.23 1.24 -35.06
N HIS C 34 -3.25 0.67 -34.42
CA HIS C 34 -4.61 1.21 -34.55
C HIS C 34 -4.84 2.18 -33.39
N VAL C 35 -5.41 3.35 -33.67
CA VAL C 35 -5.88 4.24 -32.61
C VAL C 35 -7.37 4.46 -32.79
N ALA C 36 -8.08 4.72 -31.70
CA ALA C 36 -9.51 4.90 -31.76
C ALA C 36 -10.00 5.72 -30.58
N SER C 37 -11.12 6.41 -30.79
CA SER C 37 -11.74 7.22 -29.77
C SER C 37 -13.02 7.74 -30.40
N ARG C 38 -13.77 8.57 -29.68
CA ARG C 38 -15.04 9.08 -30.19
C ARG C 38 -14.90 9.69 -31.59
N GLN C 39 -13.81 10.40 -31.83
CA GLN C 39 -13.63 11.09 -33.11
C GLN C 39 -13.39 10.13 -34.27
N THR C 40 -13.06 8.88 -33.97
CA THR C 40 -12.91 7.84 -34.99
C THR C 40 -14.11 6.90 -34.99
N GLY C 41 -15.11 7.21 -34.17
CA GLY C 41 -16.33 6.43 -34.15
C GLY C 41 -16.46 5.43 -33.02
N LEU C 42 -15.53 5.47 -32.07
CA LEU C 42 -15.61 4.54 -30.94
C LEU C 42 -15.89 5.26 -29.63
N ASP C 43 -16.97 4.85 -28.96
CA ASP C 43 -17.31 5.36 -27.64
C ASP C 43 -17.06 4.23 -26.65
N ILE C 44 -15.96 4.34 -25.91
CA ILE C 44 -15.49 3.22 -25.11
C ILE C 44 -16.46 2.94 -23.95
N SER C 45 -17.33 3.91 -23.66
CA SER C 45 -18.33 3.74 -22.60
C SER C 45 -19.47 2.83 -23.04
N ASP C 46 -19.56 2.59 -24.35
CA ASP C 46 -20.69 1.88 -24.92
C ASP C 46 -20.32 0.47 -25.31
N GLU C 47 -20.91 -0.52 -24.64
CA GLU C 47 -20.51 -1.93 -24.79
C GLU C 47 -20.65 -2.45 -26.22
N LYS C 48 -21.73 -2.09 -26.91
CA LYS C 48 -21.92 -2.53 -28.29
C LYS C 48 -20.82 -1.96 -29.19
N SER C 49 -20.50 -0.67 -29.00
CA SER C 49 -19.48 0.00 -29.79
C SER C 49 -18.11 -0.68 -29.62
N VAL C 50 -17.78 -1.03 -28.38
CA VAL C 50 -16.50 -1.67 -28.10
C VAL C 50 -16.49 -3.07 -28.72
N TYR C 51 -17.53 -3.84 -28.44
CA TYR C 51 -17.64 -5.18 -28.99
C TYR C 51 -17.41 -5.18 -30.50
N HIS C 52 -18.19 -4.36 -31.22
CA HIS C 52 -18.09 -4.36 -32.68
C HIS C 52 -16.76 -3.80 -33.17
N TYR C 53 -16.16 -2.91 -32.39
CA TYR C 53 -14.85 -2.39 -32.74
C TYR C 53 -13.83 -3.50 -32.84
N PHE C 54 -13.73 -4.35 -31.81
CA PHE C 54 -12.74 -5.43 -31.84
C PHE C 54 -13.05 -6.47 -32.91
N GLU C 55 -14.34 -6.64 -33.22
CA GLU C 55 -14.73 -7.51 -34.32
C GLU C 55 -14.04 -7.09 -35.61
N THR C 56 -13.90 -5.78 -35.81
CA THR C 56 -13.32 -5.26 -37.04
C THR C 56 -11.80 -5.27 -37.03
N ILE C 57 -11.22 -5.35 -35.84
CA ILE C 57 -9.77 -5.33 -35.74
C ILE C 57 -9.22 -6.73 -35.94
N GLY C 58 -9.84 -7.72 -35.29
CA GLY C 58 -9.35 -9.07 -35.33
C GLY C 58 -8.15 -9.29 -34.44
N ALA C 59 -7.53 -10.47 -34.53
CA ALA C 59 -6.42 -10.84 -33.66
C ALA C 59 -5.34 -9.75 -33.60
N PHE C 60 -4.93 -9.39 -32.39
CA PHE C 60 -3.84 -8.43 -32.23
C PHE C 60 -3.00 -8.77 -30.99
N ASP C 61 -1.98 -7.96 -30.71
CA ASP C 61 -0.98 -8.33 -29.71
C ASP C 61 -1.06 -7.54 -28.41
N HIS C 62 -1.23 -6.23 -28.50
CA HIS C 62 -1.18 -5.39 -27.30
C HIS C 62 -2.27 -4.34 -27.29
N LEU C 63 -2.99 -4.28 -26.17
CA LEU C 63 -4.08 -3.34 -25.99
C LEU C 63 -3.65 -2.31 -24.96
N ILE C 64 -3.83 -1.04 -25.30
CA ILE C 64 -3.48 0.03 -24.37
C ILE C 64 -4.70 0.93 -24.28
N VAL C 65 -5.10 1.28 -23.05
CA VAL C 65 -6.25 2.15 -22.88
C VAL C 65 -5.82 3.39 -22.11
N THR C 66 -5.97 4.54 -22.76
CA THR C 66 -5.70 5.83 -22.12
C THR C 66 -6.92 6.75 -22.16
N ALA C 67 -8.04 6.24 -22.67
CA ALA C 67 -9.22 7.08 -22.90
C ALA C 67 -9.82 7.62 -21.61
N GLY C 68 -10.23 8.88 -21.66
CA GLY C 68 -11.10 9.45 -20.65
C GLY C 68 -10.36 10.28 -19.61
N SER C 69 -10.05 11.52 -19.93
CA SER C 69 -9.32 12.37 -19.00
C SER C 69 -10.22 13.29 -18.20
N TYR C 70 -11.52 13.30 -18.50
CA TYR C 70 -12.43 14.20 -17.82
C TYR C 70 -12.89 13.65 -16.46
N ALA C 71 -13.06 14.55 -15.51
CA ALA C 71 -13.76 14.25 -14.26
C ALA C 71 -14.20 15.58 -13.64
N PRO C 72 -15.44 15.64 -13.11
CA PRO C 72 -15.90 16.86 -12.45
C PRO C 72 -15.09 17.13 -11.19
N ALA C 73 -14.45 18.29 -11.11
CA ALA C 73 -13.66 18.65 -9.93
C ALA C 73 -14.58 19.15 -8.83
N GLY C 74 -14.21 18.92 -7.59
CA GLY C 74 -14.93 19.47 -6.47
C GLY C 74 -15.06 18.55 -5.28
N LYS C 75 -15.53 19.11 -4.18
CA LYS C 75 -15.72 18.35 -2.94
C LYS C 75 -16.84 17.33 -3.11
N VAL C 76 -16.77 16.24 -2.35
CA VAL C 76 -17.80 15.22 -2.40
C VAL C 76 -19.17 15.83 -2.19
N VAL C 77 -19.28 16.78 -1.27
CA VAL C 77 -20.58 17.34 -0.92
C VAL C 77 -21.16 18.24 -2.04
N ASP C 78 -20.31 18.69 -2.95
CA ASP C 78 -20.72 19.60 -4.01
C ASP C 78 -20.87 18.97 -5.40
N VAL C 79 -20.12 17.90 -5.66
CA VAL C 79 -20.07 17.38 -7.02
C VAL C 79 -21.40 16.75 -7.41
N GLU C 80 -21.85 17.01 -8.64
CA GLU C 80 -23.09 16.41 -9.12
C GLU C 80 -22.82 14.95 -9.44
N VAL C 81 -23.50 14.06 -8.73
CA VAL C 81 -23.26 12.64 -8.86
C VAL C 81 -23.48 12.13 -10.28
N THR C 82 -24.39 12.75 -11.02
CA THR C 82 -24.60 12.38 -12.41
C THR C 82 -23.36 12.61 -13.27
N GLN C 83 -22.64 13.71 -13.02
CA GLN C 83 -21.43 13.98 -13.78
C GLN C 83 -20.29 13.06 -13.35
N ALA C 84 -20.24 12.74 -12.06
CA ALA C 84 -19.26 11.79 -11.55
C ALA C 84 -19.43 10.41 -12.20
N LYS C 85 -20.68 9.97 -12.31
CA LYS C 85 -20.98 8.67 -12.91
C LYS C 85 -20.61 8.66 -14.38
N TYR C 86 -20.84 9.78 -15.07
CA TYR C 86 -20.47 9.89 -16.48
C TYR C 86 -18.97 9.70 -16.60
N ALA C 87 -18.22 10.31 -15.68
CA ALA C 87 -16.77 10.20 -15.72
C ALA C 87 -16.35 8.75 -15.52
N PHE C 88 -16.98 8.08 -14.55
CA PHE C 88 -16.72 6.65 -14.32
C PHE C 88 -17.03 5.81 -15.56
N ASP C 89 -18.12 6.13 -16.26
CA ASP C 89 -18.56 5.35 -17.41
C ASP C 89 -17.54 5.28 -18.54
N THR C 90 -16.74 6.34 -18.69
CA THR C 90 -15.71 6.33 -19.72
C THR C 90 -14.41 5.69 -19.24
N LYS C 91 -13.78 6.27 -18.22
CA LYS C 91 -12.44 5.82 -17.82
C LYS C 91 -12.45 4.48 -17.10
N PHE C 92 -13.33 4.29 -16.15
CA PHE C 92 -13.33 3.00 -15.46
C PHE C 92 -14.07 1.93 -16.27
N TRP C 93 -15.36 2.12 -16.49
CA TRP C 93 -16.16 1.10 -17.18
C TRP C 93 -15.71 0.88 -18.62
N GLY C 94 -15.19 1.92 -19.26
CA GLY C 94 -14.60 1.77 -20.59
C GLY C 94 -13.40 0.83 -20.60
N ALA C 95 -12.55 0.91 -19.58
CA ALA C 95 -11.42 0.00 -19.47
C ALA C 95 -11.92 -1.43 -19.22
N VAL C 96 -12.92 -1.57 -18.35
CA VAL C 96 -13.51 -2.87 -18.10
C VAL C 96 -14.09 -3.49 -19.38
N LEU C 97 -14.82 -2.68 -20.14
CA LEU C 97 -15.40 -3.13 -21.41
C LEU C 97 -14.32 -3.48 -22.44
N ALA C 98 -13.27 -2.66 -22.52
CA ALA C 98 -12.17 -2.95 -23.43
C ALA C 98 -11.49 -4.29 -23.11
N ALA C 99 -11.27 -4.55 -21.83
CA ALA C 99 -10.67 -5.81 -21.41
C ALA C 99 -11.67 -6.95 -21.64
N LYS C 100 -12.90 -6.75 -21.21
CA LYS C 100 -13.91 -7.81 -21.34
C LYS C 100 -14.02 -8.32 -22.78
N HIS C 101 -13.97 -7.41 -23.75
CA HIS C 101 -14.25 -7.77 -25.14
C HIS C 101 -13.00 -7.84 -26.02
N GLY C 102 -11.89 -7.28 -25.54
CA GLY C 102 -10.66 -7.30 -26.30
C GLY C 102 -9.79 -8.52 -26.03
N ALA C 103 -9.93 -9.09 -24.83
CA ALA C 103 -8.99 -10.12 -24.37
C ALA C 103 -8.95 -11.34 -25.29
N ARG C 104 -10.11 -11.75 -25.78
CA ARG C 104 -10.21 -12.96 -26.60
C ARG C 104 -9.47 -12.83 -27.93
N TYR C 105 -9.10 -11.60 -28.31
CA TYR C 105 -8.40 -11.36 -29.57
C TYR C 105 -6.88 -11.35 -29.39
N LEU C 106 -6.42 -11.35 -28.15
CA LEU C 106 -5.00 -11.17 -27.88
C LEU C 106 -4.23 -12.44 -28.21
N LYS C 107 -3.14 -12.28 -28.96
CA LYS C 107 -2.32 -13.39 -29.38
C LYS C 107 -1.30 -13.72 -28.30
N GLN C 108 -0.70 -14.90 -28.41
CA GLN C 108 0.28 -15.35 -27.43
C GLN C 108 1.38 -14.30 -27.24
N GLY C 109 1.73 -14.03 -25.99
CA GLY C 109 2.74 -13.04 -25.66
C GLY C 109 2.19 -11.62 -25.51
N GLY C 110 0.88 -11.48 -25.70
CA GLY C 110 0.26 -10.16 -25.68
C GLY C 110 -0.02 -9.64 -24.27
N SER C 111 -0.58 -8.43 -24.20
CA SER C 111 -0.79 -7.78 -22.92
C SER C 111 -1.86 -6.69 -23.02
N ILE C 112 -2.39 -6.31 -21.86
CA ILE C 112 -3.26 -5.15 -21.72
C ILE C 112 -2.58 -4.18 -20.78
N THR C 113 -2.50 -2.91 -21.17
CA THR C 113 -1.96 -1.88 -20.29
C THR C 113 -3.01 -0.77 -20.11
N LEU C 114 -3.51 -0.62 -18.89
CA LEU C 114 -4.52 0.39 -18.58
C LEU C 114 -3.85 1.65 -18.05
N THR C 115 -4.65 2.68 -17.76
CA THR C 115 -4.14 3.91 -17.17
C THR C 115 -4.90 4.30 -15.92
N SER C 116 -4.18 4.58 -14.84
CA SER C 116 -4.78 5.12 -13.62
C SER C 116 -4.30 6.56 -13.44
N GLY C 117 -3.49 6.83 -12.41
CA GLY C 117 -3.05 8.20 -12.11
C GLY C 117 -2.81 8.36 -10.62
N MET C 118 -1.84 9.20 -10.25
CA MET C 118 -1.34 9.19 -8.88
C MET C 118 -2.37 9.56 -7.81
N LEU C 119 -3.51 10.12 -8.24
CA LEU C 119 -4.57 10.48 -7.30
C LEU C 119 -5.22 9.26 -6.66
N SER C 120 -4.97 8.07 -7.22
CA SER C 120 -5.41 6.84 -6.55
C SER C 120 -4.83 6.78 -5.13
N ARG C 121 -3.65 7.36 -4.96
CA ARG C 121 -2.92 7.18 -3.71
C ARG C 121 -2.45 8.50 -3.09
N LYS C 122 -2.46 9.58 -3.86
CA LYS C 122 -2.18 10.90 -3.29
C LYS C 122 -3.52 11.57 -2.92
N VAL C 123 -3.75 11.73 -1.62
CA VAL C 123 -5.02 12.27 -1.13
C VAL C 123 -5.04 13.78 -1.30
N VAL C 124 -5.92 14.27 -2.16
CA VAL C 124 -6.01 15.70 -2.45
C VAL C 124 -7.47 16.14 -2.43
N ALA C 125 -7.77 17.19 -1.69
CA ALA C 125 -9.14 17.74 -1.66
C ALA C 125 -9.64 18.06 -3.07
N ASN C 126 -10.94 17.82 -3.29
CA ASN C 126 -11.63 18.11 -4.55
C ASN C 126 -11.38 17.13 -5.68
N THR C 127 -10.76 15.98 -5.37
CA THR C 127 -10.40 15.03 -6.41
C THR C 127 -11.00 13.63 -6.24
N TYR C 128 -12.10 13.47 -5.48
CA TYR C 128 -12.61 12.13 -5.20
C TYR C 128 -12.98 11.32 -6.45
N VAL C 129 -13.52 11.97 -7.48
CA VAL C 129 -13.92 11.20 -8.64
C VAL C 129 -12.69 10.60 -9.30
N LYS C 130 -11.67 11.42 -9.52
CA LYS C 130 -10.43 10.92 -10.11
C LYS C 130 -9.77 9.85 -9.22
N ALA C 131 -9.70 10.12 -7.92
CA ALA C 131 -9.10 9.17 -6.99
C ALA C 131 -9.84 7.82 -7.03
N ALA C 132 -11.16 7.86 -6.94
CA ALA C 132 -11.95 6.62 -6.92
C ALA C 132 -11.81 5.83 -8.23
N ILE C 133 -11.90 6.53 -9.35
CA ILE C 133 -11.71 5.90 -10.65
C ILE C 133 -10.35 5.20 -10.70
N ASN C 134 -9.30 5.94 -10.32
CA ASN C 134 -7.95 5.39 -10.39
C ASN C 134 -7.72 4.21 -9.45
N ALA C 135 -8.28 4.29 -8.24
CA ALA C 135 -8.17 3.19 -7.30
C ALA C 135 -8.88 1.95 -7.89
N ALA C 136 -10.04 2.16 -8.51
CA ALA C 136 -10.79 1.06 -9.12
C ALA C 136 -9.99 0.45 -10.27
N ILE C 137 -9.38 1.30 -11.11
CA ILE C 137 -8.57 0.81 -12.21
C ILE C 137 -7.43 -0.07 -11.71
N GLU C 138 -6.72 0.39 -10.68
CA GLU C 138 -5.57 -0.36 -10.20
C GLU C 138 -6.00 -1.70 -9.62
N ALA C 139 -7.15 -1.75 -8.95
CA ALA C 139 -7.58 -3.02 -8.37
C ALA C 139 -8.01 -3.98 -9.46
N THR C 140 -8.66 -3.45 -10.49
CA THR C 140 -9.19 -4.26 -11.57
C THR C 140 -8.04 -4.80 -12.43
N THR C 141 -7.02 -3.96 -12.61
CA THR C 141 -5.81 -4.37 -13.30
C THR C 141 -5.23 -5.66 -12.70
N LYS C 142 -5.18 -5.72 -11.37
CA LYS C 142 -4.54 -6.86 -10.73
C LYS C 142 -5.42 -8.11 -10.85
N VAL C 143 -6.73 -7.95 -10.71
CA VAL C 143 -7.65 -9.08 -10.90
C VAL C 143 -7.55 -9.60 -12.32
N LEU C 144 -7.56 -8.68 -13.29
CA LEU C 144 -7.37 -9.07 -14.69
C LEU C 144 -6.06 -9.82 -14.92
N ALA C 145 -4.98 -9.35 -14.30
CA ALA C 145 -3.68 -9.98 -14.47
C ALA C 145 -3.75 -11.45 -14.01
N LYS C 146 -4.49 -11.69 -12.94
CA LYS C 146 -4.66 -13.06 -12.47
C LYS C 146 -5.57 -13.88 -13.39
N GLU C 147 -6.69 -13.29 -13.81
CA GLU C 147 -7.67 -14.00 -14.62
C GLU C 147 -7.23 -14.27 -16.05
N LEU C 148 -6.43 -13.38 -16.64
CA LEU C 148 -6.11 -13.51 -18.07
C LEU C 148 -4.75 -14.16 -18.32
N ALA C 149 -4.00 -14.45 -17.26
CA ALA C 149 -2.69 -15.05 -17.39
C ALA C 149 -2.81 -16.23 -18.35
N PRO C 150 -1.86 -16.39 -19.29
CA PRO C 150 -0.56 -15.70 -19.34
C PRO C 150 -0.55 -14.37 -20.09
N ILE C 151 -1.70 -13.88 -20.54
CA ILE C 151 -1.76 -12.52 -21.04
C ILE C 151 -1.37 -11.64 -19.86
N ARG C 152 -0.44 -10.73 -20.08
CA ARG C 152 0.00 -9.82 -19.01
C ARG C 152 -0.88 -8.58 -18.94
N VAL C 153 -1.18 -8.13 -17.71
CA VAL C 153 -1.98 -6.92 -17.52
C VAL C 153 -1.34 -6.03 -16.48
N ASN C 154 -1.10 -4.77 -16.87
CA ASN C 154 -0.50 -3.80 -15.95
C ASN C 154 -1.14 -2.44 -16.17
N ALA C 155 -0.77 -1.48 -15.33
CA ALA C 155 -1.29 -0.13 -15.43
C ALA C 155 -0.18 0.91 -15.25
N ILE C 156 -0.26 1.99 -16.00
CA ILE C 156 0.63 3.13 -15.83
C ILE C 156 -0.14 4.19 -15.05
N SER C 157 0.55 4.81 -14.09
CA SER C 157 -0.07 5.84 -13.26
C SER C 157 0.68 7.16 -13.42
N PRO C 158 0.17 8.05 -14.28
CA PRO C 158 0.88 9.31 -14.54
C PRO C 158 0.70 10.35 -13.46
N GLY C 159 1.68 11.24 -13.34
CA GLY C 159 1.52 12.49 -12.63
C GLY C 159 1.18 13.55 -13.67
N LEU C 160 1.20 14.82 -13.27
CA LEU C 160 0.81 15.91 -14.18
C LEU C 160 1.67 15.88 -15.44
N THR C 161 1.01 15.87 -16.59
CA THR C 161 1.68 15.76 -17.89
C THR C 161 1.08 16.77 -18.88
N LYS C 162 1.95 17.44 -19.63
CA LYS C 162 1.47 18.46 -20.56
C LYS C 162 0.77 17.83 -21.76
N THR C 163 -0.56 17.88 -21.77
CA THR C 163 -1.30 17.34 -22.88
C THR C 163 -2.57 18.17 -23.12
N GLU C 164 -3.37 17.70 -24.07
CA GLU C 164 -4.64 18.35 -24.43
C GLU C 164 -5.67 18.18 -23.32
N ALA C 165 -5.33 17.39 -22.32
CA ALA C 165 -6.25 17.16 -21.21
C ALA C 165 -6.68 18.49 -20.60
N TYR C 166 -5.83 19.49 -20.77
CA TYR C 166 -6.04 20.79 -20.13
C TYR C 166 -6.32 21.89 -21.15
N LYS C 167 -6.86 21.51 -22.31
CA LYS C 167 -7.09 22.49 -23.38
C LYS C 167 -8.25 23.40 -23.01
N GLY C 168 -9.04 22.98 -22.04
CA GLY C 168 -10.20 23.75 -21.59
C GLY C 168 -9.88 24.80 -20.54
N MET C 169 -8.66 24.78 -20.00
CA MET C 169 -8.24 25.82 -19.05
C MET C 169 -7.89 27.09 -19.81
N ASN C 170 -8.05 28.22 -19.13
CA ASN C 170 -7.49 29.48 -19.62
C ASN C 170 -5.97 29.31 -19.69
N ALA C 171 -5.36 29.68 -20.81
CA ALA C 171 -3.94 29.41 -21.05
C ALA C 171 -3.01 29.91 -19.94
N ASP C 172 -3.36 31.05 -19.33
CA ASP C 172 -2.54 31.64 -18.27
C ASP C 172 -2.67 30.78 -17.02
N ASP C 173 -3.89 30.37 -16.71
CA ASP C 173 -4.13 29.47 -15.60
C ASP C 173 -3.33 28.19 -15.81
N ARG C 174 -3.32 27.70 -17.05
CA ARG C 174 -2.62 26.45 -17.35
C ARG C 174 -1.12 26.60 -17.12
N ASP C 175 -0.55 27.68 -17.65
CA ASP C 175 0.86 27.97 -17.44
C ASP C 175 1.22 28.06 -15.95
N ALA C 176 0.37 28.71 -15.16
CA ALA C 176 0.64 28.87 -13.75
C ALA C 176 0.55 27.52 -13.04
N MET C 177 -0.30 26.64 -13.55
CA MET C 177 -0.42 25.29 -13.02
C MET C 177 0.87 24.49 -13.30
N TYR C 178 1.31 24.52 -14.55
CA TYR C 178 2.55 23.86 -14.95
C TYR C 178 3.72 24.40 -14.12
N GLN C 179 3.78 25.72 -13.96
CA GLN C 179 4.91 26.33 -13.26
C GLN C 179 4.92 25.97 -11.77
N ARG C 180 3.75 25.92 -11.16
CA ARG C 180 3.67 25.59 -9.74
C ARG C 180 4.23 24.17 -9.58
N THR C 181 3.75 23.27 -10.42
CA THR C 181 4.26 21.91 -10.48
C THR C 181 5.78 21.87 -10.62
N GLN C 182 6.29 22.39 -11.73
CA GLN C 182 7.73 22.45 -11.92
C GLN C 182 8.44 22.90 -10.64
N SER C 183 7.91 23.93 -9.98
CA SER C 183 8.56 24.54 -8.82
C SER C 183 8.52 23.69 -7.56
N HIS C 184 7.56 22.78 -7.46
CA HIS C 184 7.40 21.99 -6.24
C HIS C 184 7.64 20.49 -6.39
N LEU C 185 7.75 19.99 -7.62
CA LEU C 185 8.04 18.56 -7.78
C LEU C 185 9.53 18.31 -7.53
N PRO C 186 9.84 17.19 -6.85
CA PRO C 186 11.25 16.84 -6.69
C PRO C 186 12.02 16.90 -8.01
N VAL C 187 11.44 16.42 -9.12
CA VAL C 187 12.19 16.40 -10.37
C VAL C 187 12.34 17.79 -11.02
N GLY C 188 11.63 18.78 -10.50
CA GLY C 188 11.78 20.14 -10.99
C GLY C 188 11.38 20.29 -12.44
N LYS C 189 10.38 19.53 -12.87
CA LYS C 189 9.81 19.67 -14.21
C LYS C 189 8.39 19.11 -14.22
N VAL C 190 7.63 19.48 -15.25
CA VAL C 190 6.33 18.89 -15.51
C VAL C 190 6.56 17.73 -16.48
N GLY C 191 5.70 16.73 -16.42
CA GLY C 191 5.85 15.57 -17.29
C GLY C 191 5.55 15.90 -18.74
N GLU C 192 6.30 15.28 -19.65
CA GLU C 192 5.98 15.36 -21.08
C GLU C 192 5.34 14.04 -21.49
N ALA C 193 4.50 14.06 -22.51
CA ALA C 193 3.81 12.85 -22.93
C ALA C 193 4.81 11.71 -23.18
N SER C 194 5.97 12.05 -23.74
CA SER C 194 6.98 11.05 -24.07
C SER C 194 7.55 10.36 -22.83
N ASP C 195 7.56 11.06 -21.69
CA ASP C 195 7.99 10.45 -20.43
C ASP C 195 7.02 9.37 -19.99
N ILE C 196 5.72 9.58 -20.25
CA ILE C 196 4.73 8.61 -19.82
C ILE C 196 4.67 7.46 -20.84
N ALA C 197 4.79 7.80 -22.12
CA ALA C 197 4.82 6.81 -23.18
C ALA C 197 5.87 5.72 -22.92
N MET C 198 7.02 6.16 -22.41
CA MET C 198 8.15 5.27 -22.14
C MET C 198 7.74 4.15 -21.20
N ALA C 199 6.89 4.48 -20.23
CA ALA C 199 6.43 3.48 -19.26
C ALA C 199 5.49 2.43 -19.90
N TYR C 200 4.60 2.83 -20.81
CA TYR C 200 3.80 1.83 -21.52
C TYR C 200 4.70 0.88 -22.33
N LEU C 201 5.70 1.44 -23.02
CA LEU C 201 6.62 0.62 -23.81
C LEU C 201 7.33 -0.43 -22.94
N PHE C 202 7.71 -0.02 -21.73
CA PHE C 202 8.35 -0.90 -20.78
C PHE C 202 7.42 -2.04 -20.38
N ALA C 203 6.17 -1.71 -20.07
CA ALA C 203 5.20 -2.75 -19.68
C ALA C 203 4.98 -3.71 -20.85
N ILE C 204 4.88 -3.16 -22.04
CA ILE C 204 4.66 -3.97 -23.23
C ILE C 204 5.82 -4.94 -23.46
N GLN C 205 7.03 -4.51 -23.15
CA GLN C 205 8.21 -5.25 -23.54
C GLN C 205 8.64 -6.29 -22.50
N ASN C 206 8.24 -6.12 -21.25
CA ASN C 206 8.81 -6.94 -20.19
C ASN C 206 7.97 -8.18 -19.89
N SER C 207 8.45 -9.33 -20.34
CA SER C 207 7.68 -10.56 -20.25
C SER C 207 7.61 -11.13 -18.83
N TYR C 208 8.27 -10.48 -17.88
CA TYR C 208 8.23 -10.94 -16.49
C TYR C 208 7.43 -9.99 -15.59
N MET C 209 6.65 -9.09 -16.20
CA MET C 209 5.86 -8.11 -15.44
C MET C 209 4.36 -8.21 -15.70
N THR C 210 3.60 -8.46 -14.64
CA THR C 210 2.16 -8.50 -14.75
C THR C 210 1.57 -8.17 -13.38
N GLY C 211 0.41 -7.53 -13.38
CA GLY C 211 -0.25 -7.13 -12.15
C GLY C 211 0.44 -5.94 -11.48
N THR C 212 1.21 -5.21 -12.27
CA THR C 212 2.00 -4.08 -11.73
C THR C 212 1.43 -2.71 -12.12
N VAL C 213 1.54 -1.75 -11.20
CA VAL C 213 1.17 -0.36 -11.45
C VAL C 213 2.46 0.46 -11.39
N ILE C 214 2.81 1.09 -12.50
CA ILE C 214 4.05 1.82 -12.61
C ILE C 214 3.76 3.32 -12.44
N ASP C 215 4.35 3.95 -11.43
CA ASP C 215 4.17 5.37 -11.21
C ASP C 215 5.21 6.18 -11.99
N VAL C 216 4.73 7.17 -12.74
CA VAL C 216 5.62 8.13 -13.38
C VAL C 216 5.05 9.52 -13.09
N ASP C 217 5.37 10.04 -11.91
CA ASP C 217 4.67 11.21 -11.38
C ASP C 217 5.60 12.31 -10.86
N GLY C 218 6.87 12.27 -11.24
CA GLY C 218 7.84 13.30 -10.86
C GLY C 218 8.05 13.47 -9.37
N GLY C 219 7.56 12.52 -8.59
CA GLY C 219 7.69 12.56 -7.15
C GLY C 219 6.46 13.09 -6.43
N ALA C 220 5.37 13.29 -7.17
CA ALA C 220 4.16 13.88 -6.58
C ALA C 220 3.70 13.08 -5.36
N LEU C 221 3.79 11.75 -5.44
CA LEU C 221 3.34 10.88 -4.35
C LEU C 221 4.12 11.07 -3.06
N LEU C 222 5.30 11.68 -3.14
CA LEU C 222 6.13 11.90 -1.96
C LEU C 222 5.64 13.03 -1.06
N GLY C 223 4.67 13.80 -1.55
CA GLY C 223 4.10 14.88 -0.76
C GLY C 223 5.10 15.96 -0.49
N ASP D 5 31.96 14.05 -21.22
CA ASP D 5 31.16 13.66 -22.38
C ASP D 5 30.41 12.33 -22.13
N LYS D 6 31.15 11.28 -21.79
CA LYS D 6 30.53 9.98 -21.58
C LYS D 6 29.74 9.92 -20.28
N THR D 7 28.71 9.08 -20.27
CA THR D 7 27.90 8.88 -19.07
C THR D 7 28.51 7.76 -18.25
N VAL D 8 28.66 8.01 -16.96
CA VAL D 8 29.39 7.11 -16.10
C VAL D 8 28.47 6.42 -15.10
N TYR D 9 28.58 5.10 -15.03
CA TYR D 9 27.75 4.27 -14.15
C TYR D 9 28.58 3.54 -13.11
N VAL D 10 28.05 3.46 -11.89
CA VAL D 10 28.61 2.62 -10.84
C VAL D 10 27.55 1.59 -10.44
N VAL D 11 27.91 0.31 -10.55
CA VAL D 11 27.01 -0.77 -10.16
C VAL D 11 27.65 -1.58 -9.02
N LEU D 12 27.20 -1.34 -7.80
CA LEU D 12 27.69 -2.07 -6.64
C LEU D 12 26.93 -3.39 -6.56
N GLY D 13 27.63 -4.50 -6.81
CA GLY D 13 26.99 -5.77 -7.03
C GLY D 13 26.97 -6.10 -8.51
N GLY D 14 27.74 -5.35 -9.28
CA GLY D 14 27.73 -5.50 -10.73
C GLY D 14 28.63 -6.61 -11.25
N THR D 15 29.12 -7.45 -10.34
CA THR D 15 30.01 -8.55 -10.71
C THR D 15 29.27 -9.89 -10.78
N SER D 16 27.98 -9.89 -10.47
CA SER D 16 27.20 -11.13 -10.47
C SER D 16 25.73 -10.85 -10.84
N GLY D 17 25.03 -11.90 -11.24
CA GLY D 17 23.59 -11.86 -11.43
C GLY D 17 23.00 -10.62 -12.10
N ILE D 18 22.03 -10.01 -11.44
CA ILE D 18 21.26 -8.92 -12.05
C ILE D 18 22.15 -7.71 -12.33
N GLY D 19 23.02 -7.37 -11.38
CA GLY D 19 23.96 -6.26 -11.52
C GLY D 19 24.92 -6.44 -12.69
N ALA D 20 25.43 -7.66 -12.87
CA ALA D 20 26.33 -7.95 -13.99
C ALA D 20 25.63 -7.86 -15.34
N GLU D 21 24.42 -8.40 -15.43
CA GLU D 21 23.65 -8.30 -16.66
C GLU D 21 23.41 -6.81 -16.98
N LEU D 22 23.06 -6.03 -15.96
CA LEU D 22 22.81 -4.60 -16.16
C LEU D 22 24.07 -3.92 -16.71
N ALA D 23 25.20 -4.21 -16.07
CA ALA D 23 26.48 -3.63 -16.49
C ALA D 23 26.79 -3.99 -17.94
N LYS D 24 26.46 -5.21 -18.34
CA LYS D 24 26.67 -5.62 -19.72
C LYS D 24 25.79 -4.81 -20.66
N GLN D 25 24.56 -4.52 -20.25
CA GLN D 25 23.65 -3.79 -21.12
C GLN D 25 24.00 -2.29 -21.17
N LEU D 26 24.66 -1.80 -20.14
CA LEU D 26 25.03 -0.38 -20.09
C LEU D 26 26.27 -0.05 -20.93
N GLU D 27 27.09 -1.06 -21.20
CA GLU D 27 28.32 -0.84 -21.96
C GLU D 27 28.04 -0.36 -23.38
N SER D 28 28.74 0.69 -23.80
CA SER D 28 28.65 1.17 -25.18
C SER D 28 29.75 2.19 -25.45
N GLU D 29 29.81 2.67 -26.70
CA GLU D 29 30.79 3.68 -27.08
C GLU D 29 30.54 4.99 -26.33
N HIS D 30 29.38 5.10 -25.70
CA HIS D 30 28.96 6.35 -25.07
C HIS D 30 29.09 6.34 -23.55
N THR D 31 29.47 5.20 -22.97
CA THR D 31 29.40 5.04 -21.52
C THR D 31 30.68 4.51 -20.90
N ILE D 32 30.78 4.69 -19.59
CA ILE D 32 31.82 4.07 -18.79
C ILE D 32 31.13 3.36 -17.64
N VAL D 33 31.29 2.04 -17.56
CA VAL D 33 30.61 1.26 -16.53
C VAL D 33 31.60 0.71 -15.50
N HIS D 34 31.48 1.16 -14.26
CA HIS D 34 32.27 0.62 -13.16
C HIS D 34 31.44 -0.40 -12.37
N VAL D 35 31.99 -1.57 -12.11
CA VAL D 35 31.34 -2.52 -11.20
C VAL D 35 32.24 -2.75 -10.00
N ALA D 36 31.64 -3.04 -8.84
CA ALA D 36 32.44 -3.27 -7.64
C ALA D 36 31.73 -4.21 -6.69
N SER D 37 32.51 -4.97 -5.94
CA SER D 37 31.98 -5.85 -4.89
C SER D 37 33.16 -6.36 -4.08
N ARG D 38 32.90 -7.32 -3.19
CA ARG D 38 33.97 -7.84 -2.34
C ARG D 38 35.14 -8.35 -3.17
N GLN D 39 34.85 -8.99 -4.30
CA GLN D 39 35.92 -9.58 -5.09
C GLN D 39 36.78 -8.52 -5.79
N THR D 40 36.30 -7.28 -5.84
CA THR D 40 37.09 -6.20 -6.44
C THR D 40 37.70 -5.31 -5.38
N GLY D 41 37.40 -5.60 -4.11
CA GLY D 41 37.97 -4.85 -3.02
C GLY D 41 37.01 -3.94 -2.28
N LEU D 42 35.73 -3.97 -2.66
CA LEU D 42 34.74 -3.15 -1.96
C LEU D 42 33.81 -4.01 -1.10
N ASP D 43 33.77 -3.70 0.20
CA ASP D 43 32.80 -4.30 1.09
C ASP D 43 31.79 -3.22 1.46
N ILE D 44 30.60 -3.31 0.87
CA ILE D 44 29.60 -2.25 0.93
C ILE D 44 29.05 -2.10 2.35
N SER D 45 29.31 -3.08 3.21
CA SER D 45 28.88 -3.01 4.61
C SER D 45 29.81 -2.15 5.45
N ASP D 46 30.97 -1.80 4.88
CA ASP D 46 32.02 -1.09 5.61
C ASP D 46 32.08 0.36 5.19
N GLU D 47 31.75 1.27 6.11
CA GLU D 47 31.61 2.69 5.75
C GLU D 47 32.90 3.26 5.16
N LYS D 48 34.05 2.91 5.75
CA LYS D 48 35.33 3.39 5.23
C LYS D 48 35.58 2.89 3.81
N SER D 49 35.31 1.60 3.57
CA SER D 49 35.50 1.01 2.24
C SER D 49 34.65 1.72 1.19
N VAL D 50 33.40 2.03 1.55
CA VAL D 50 32.52 2.73 0.65
C VAL D 50 32.99 4.17 0.40
N TYR D 51 33.33 4.86 1.48
CA TYR D 51 33.81 6.23 1.35
C TYR D 51 35.00 6.27 0.39
N HIS D 52 35.95 5.37 0.59
CA HIS D 52 37.17 5.43 -0.20
C HIS D 52 36.94 4.95 -1.62
N TYR D 53 36.00 4.03 -1.82
CA TYR D 53 35.66 3.61 -3.18
C TYR D 53 35.24 4.80 -4.03
N PHE D 54 34.32 5.62 -3.53
CA PHE D 54 33.80 6.73 -4.34
C PHE D 54 34.88 7.79 -4.63
N GLU D 55 35.83 7.95 -3.72
CA GLU D 55 36.96 8.84 -3.98
C GLU D 55 37.69 8.41 -5.26
N THR D 56 37.78 7.11 -5.48
CA THR D 56 38.55 6.59 -6.60
C THR D 56 37.79 6.70 -7.91
N ILE D 57 36.48 6.91 -7.82
CA ILE D 57 35.66 7.03 -9.01
C ILE D 57 35.55 8.50 -9.43
N GLY D 58 35.30 9.37 -8.45
CA GLY D 58 35.04 10.78 -8.75
C GLY D 58 33.64 10.97 -9.31
N ALA D 59 33.41 12.11 -9.96
CA ALA D 59 32.08 12.49 -10.45
C ALA D 59 31.48 11.44 -11.38
N PHE D 60 30.23 11.07 -11.14
CA PHE D 60 29.56 10.17 -12.06
C PHE D 60 28.06 10.47 -12.14
N ASP D 61 27.35 9.72 -12.97
CA ASP D 61 25.97 10.05 -13.31
C ASP D 61 24.93 9.17 -12.62
N HIS D 62 25.14 7.86 -12.62
CA HIS D 62 24.14 6.94 -12.10
C HIS D 62 24.72 5.86 -11.18
N LEU D 63 24.17 5.75 -9.98
CA LEU D 63 24.55 4.70 -9.02
C LEU D 63 23.46 3.64 -8.98
N ILE D 64 23.85 2.38 -9.08
CA ILE D 64 22.92 1.26 -8.98
C ILE D 64 23.47 0.30 -7.93
N VAL D 65 22.63 -0.14 -6.99
CA VAL D 65 23.09 -1.04 -5.95
C VAL D 65 22.26 -2.32 -6.04
N THR D 66 22.94 -3.44 -6.26
CA THR D 66 22.29 -4.75 -6.28
C THR D 66 22.95 -5.71 -5.27
N ALA D 67 23.89 -5.20 -4.48
CA ALA D 67 24.71 -6.07 -3.64
C ALA D 67 23.94 -6.66 -2.48
N GLY D 68 24.15 -7.97 -2.26
CA GLY D 68 23.71 -8.62 -1.04
C GLY D 68 22.49 -9.52 -1.23
N SER D 69 22.69 -10.73 -1.75
CA SER D 69 21.56 -11.61 -2.02
C SER D 69 21.29 -12.56 -0.86
N TYR D 70 22.15 -12.55 0.15
CA TYR D 70 22.05 -13.53 1.22
C TYR D 70 21.11 -13.10 2.35
N ALA D 71 20.42 -14.08 2.92
CA ALA D 71 19.72 -13.90 4.19
C ALA D 71 19.44 -15.27 4.78
N PRO D 72 19.55 -15.40 6.12
CA PRO D 72 19.22 -16.68 6.76
C PRO D 72 17.72 -16.98 6.66
N ALA D 73 17.37 -18.10 6.04
CA ALA D 73 15.98 -18.51 5.93
C ALA D 73 15.49 -19.14 7.23
N GLY D 74 14.19 -19.01 7.49
CA GLY D 74 13.59 -19.69 8.64
C GLY D 74 12.63 -18.81 9.42
N LYS D 75 11.92 -19.44 10.35
CA LYS D 75 10.93 -18.75 11.17
C LYS D 75 11.58 -17.74 12.11
N VAL D 76 10.84 -16.69 12.49
CA VAL D 76 11.37 -15.69 13.41
C VAL D 76 11.88 -16.36 14.67
N VAL D 77 11.15 -17.37 15.16
CA VAL D 77 11.53 -18.00 16.42
C VAL D 77 12.81 -18.84 16.29
N ASP D 78 13.19 -19.20 15.07
CA ASP D 78 14.35 -20.08 14.85
C ASP D 78 15.61 -19.36 14.37
N VAL D 79 15.44 -18.28 13.62
CA VAL D 79 16.56 -17.64 12.96
C VAL D 79 17.53 -17.00 13.97
N GLU D 80 18.82 -17.23 13.72
CA GLU D 80 19.88 -16.63 14.50
C GLU D 80 19.99 -15.13 14.22
N VAL D 81 19.67 -14.31 15.22
CA VAL D 81 19.58 -12.87 15.02
C VAL D 81 20.90 -12.25 14.59
N THR D 82 22.00 -12.82 15.09
CA THR D 82 23.33 -12.44 14.67
C THR D 82 23.49 -12.57 13.15
N GLN D 83 22.95 -13.64 12.58
CA GLN D 83 23.06 -13.88 11.15
C GLN D 83 22.10 -12.97 10.39
N ALA D 84 20.92 -12.77 10.97
CA ALA D 84 19.97 -11.83 10.42
C ALA D 84 20.56 -10.42 10.38
N LYS D 85 21.29 -10.04 11.43
CA LYS D 85 21.87 -8.70 11.49
C LYS D 85 22.94 -8.56 10.43
N TYR D 86 23.66 -9.64 10.18
CA TYR D 86 24.70 -9.64 9.17
C TYR D 86 24.12 -9.39 7.78
N ALA D 87 22.95 -9.97 7.51
CA ALA D 87 22.32 -9.80 6.21
C ALA D 87 21.87 -8.35 6.05
N PHE D 88 21.38 -7.76 7.14
CA PHE D 88 20.97 -6.35 7.11
C PHE D 88 22.19 -5.46 6.83
N ASP D 89 23.34 -5.78 7.42
CA ASP D 89 24.51 -4.94 7.30
C ASP D 89 24.93 -4.77 5.84
N THR D 90 24.75 -5.80 5.02
CA THR D 90 25.13 -5.71 3.61
C THR D 90 24.04 -5.08 2.75
N LYS D 91 22.88 -5.73 2.65
CA LYS D 91 21.87 -5.26 1.72
C LYS D 91 21.19 -3.97 2.16
N PHE D 92 20.83 -3.84 3.43
CA PHE D 92 20.16 -2.60 3.82
C PHE D 92 21.17 -1.48 4.11
N TRP D 93 22.01 -1.68 5.13
CA TRP D 93 22.97 -0.65 5.52
C TRP D 93 23.96 -0.34 4.40
N GLY D 94 24.28 -1.35 3.59
CA GLY D 94 25.09 -1.12 2.40
C GLY D 94 24.47 -0.07 1.48
N ALA D 95 23.18 -0.22 1.20
CA ALA D 95 22.48 0.75 0.37
C ALA D 95 22.53 2.14 1.01
N VAL D 96 22.24 2.20 2.31
CA VAL D 96 22.29 3.46 3.04
C VAL D 96 23.66 4.12 2.88
N LEU D 97 24.73 3.33 3.05
CA LEU D 97 26.10 3.86 2.99
C LEU D 97 26.45 4.32 1.58
N ALA D 98 25.98 3.59 0.58
CA ALA D 98 26.27 3.93 -0.81
C ALA D 98 25.61 5.26 -1.17
N ALA D 99 24.36 5.42 -0.74
CA ALA D 99 23.63 6.68 -0.94
C ALA D 99 24.30 7.82 -0.18
N LYS D 100 24.58 7.57 1.11
CA LYS D 100 25.17 8.58 1.98
C LYS D 100 26.48 9.16 1.45
N HIS D 101 27.37 8.31 0.93
CA HIS D 101 28.68 8.80 0.48
C HIS D 101 28.76 8.99 -1.03
N GLY D 102 27.89 8.32 -1.78
CA GLY D 102 27.91 8.44 -3.23
C GLY D 102 27.19 9.68 -3.77
N ALA D 103 26.16 10.12 -3.05
CA ALA D 103 25.29 11.19 -3.54
C ALA D 103 26.08 12.43 -3.97
N ARG D 104 27.07 12.82 -3.17
CA ARG D 104 27.74 14.09 -3.42
C ARG D 104 28.53 14.09 -4.73
N TYR D 105 28.70 12.91 -5.32
CA TYR D 105 29.45 12.78 -6.57
C TYR D 105 28.56 12.78 -7.82
N LEU D 106 27.24 12.77 -7.62
CA LEU D 106 26.32 12.60 -8.74
C LEU D 106 26.13 13.89 -9.53
N LYS D 107 26.32 13.80 -10.85
CA LYS D 107 26.21 14.95 -11.73
C LYS D 107 24.75 15.32 -11.99
N GLN D 108 24.54 16.50 -12.55
CA GLN D 108 23.20 16.93 -12.92
C GLN D 108 22.55 15.86 -13.80
N GLY D 109 21.29 15.55 -13.51
CA GLY D 109 20.57 14.54 -14.27
C GLY D 109 20.74 13.15 -13.71
N GLY D 110 21.52 13.03 -12.64
CA GLY D 110 21.89 11.73 -12.09
C GLY D 110 20.78 11.04 -11.32
N SER D 111 21.03 9.80 -10.94
CA SER D 111 20.04 9.00 -10.23
C SER D 111 20.69 7.92 -9.38
N ILE D 112 19.98 7.47 -8.37
CA ILE D 112 20.34 6.30 -7.59
C ILE D 112 19.21 5.28 -7.79
N THR D 113 19.56 4.03 -8.11
CA THR D 113 18.55 2.96 -8.17
C THR D 113 18.95 1.82 -7.24
N LEU D 114 18.11 1.56 -6.24
CA LEU D 114 18.34 0.54 -5.25
C LEU D 114 17.57 -0.73 -5.61
N THR D 115 17.77 -1.78 -4.83
CA THR D 115 17.09 -3.05 -5.08
C THR D 115 16.38 -3.55 -3.82
N SER D 116 15.11 -3.88 -3.96
CA SER D 116 14.39 -4.53 -2.85
C SER D 116 14.02 -5.95 -3.26
N GLY D 117 12.74 -6.24 -3.49
CA GLY D 117 12.31 -7.60 -3.78
C GLY D 117 10.90 -7.84 -3.28
N MET D 118 10.17 -8.71 -3.97
CA MET D 118 8.73 -8.84 -3.77
C MET D 118 8.39 -9.20 -2.33
N LEU D 119 9.32 -9.80 -1.60
CA LEU D 119 9.04 -10.25 -0.23
C LEU D 119 8.77 -9.08 0.74
N SER D 120 9.11 -7.85 0.33
CA SER D 120 8.65 -6.66 1.07
C SER D 120 7.14 -6.68 1.31
N ARG D 121 6.39 -7.20 0.34
CA ARG D 121 4.93 -7.10 0.36
C ARG D 121 4.19 -8.43 0.18
N LYS D 122 4.87 -9.44 -0.33
CA LYS D 122 4.25 -10.77 -0.38
C LYS D 122 4.64 -11.49 0.91
N VAL D 123 3.65 -11.80 1.74
CA VAL D 123 3.91 -12.37 3.07
C VAL D 123 4.10 -13.87 2.94
N VAL D 124 5.31 -14.33 3.23
CA VAL D 124 5.66 -15.74 3.07
C VAL D 124 6.36 -16.24 4.33
N ALA D 125 5.90 -17.36 4.87
CA ALA D 125 6.56 -17.90 6.06
C ALA D 125 8.06 -18.16 5.80
N ASN D 126 8.88 -18.01 6.82
CA ASN D 126 10.34 -18.26 6.77
C ASN D 126 11.17 -17.16 6.10
N THR D 127 10.55 -16.02 5.81
CA THR D 127 11.26 -14.99 5.06
C THR D 127 11.35 -13.63 5.76
N TYR D 128 11.21 -13.57 7.08
CA TYR D 128 11.17 -12.25 7.73
C TYR D 128 12.41 -11.40 7.47
N VAL D 129 13.60 -11.99 7.40
CA VAL D 129 14.79 -11.16 7.19
C VAL D 129 14.76 -10.49 5.82
N LYS D 130 14.47 -11.26 4.78
CA LYS D 130 14.35 -10.69 3.44
C LYS D 130 13.21 -9.67 3.35
N ALA D 131 12.06 -10.00 3.93
CA ALA D 131 10.91 -9.10 3.94
C ALA D 131 11.23 -7.76 4.62
N ALA D 132 11.82 -7.82 5.82
CA ALA D 132 12.13 -6.60 6.58
C ALA D 132 13.19 -5.76 5.90
N ILE D 133 14.23 -6.39 5.40
CA ILE D 133 15.24 -5.69 4.61
C ILE D 133 14.58 -4.97 3.44
N ASN D 134 13.79 -5.68 2.65
CA ASN D 134 13.18 -5.07 1.46
C ASN D 134 12.19 -3.95 1.81
N ALA D 135 11.46 -4.11 2.90
CA ALA D 135 10.55 -3.06 3.36
C ALA D 135 11.36 -1.82 3.73
N ALA D 136 12.48 -2.03 4.40
CA ALA D 136 13.32 -0.91 4.83
C ALA D 136 13.92 -0.17 3.63
N ILE D 137 14.40 -0.93 2.64
CA ILE D 137 14.92 -0.35 1.41
C ILE D 137 13.85 0.51 0.70
N GLU D 138 12.63 0.01 0.59
CA GLU D 138 11.61 0.73 -0.16
C GLU D 138 11.27 2.05 0.55
N ALA D 139 11.16 2.04 1.88
CA ALA D 139 10.88 3.27 2.62
C ALA D 139 12.03 4.27 2.51
N THR D 140 13.26 3.77 2.58
CA THR D 140 14.43 4.62 2.59
C THR D 140 14.62 5.22 1.20
N THR D 141 14.26 4.42 0.19
CA THR D 141 14.29 4.88 -1.19
C THR D 141 13.43 6.14 -1.35
N LYS D 142 12.24 6.12 -0.77
CA LYS D 142 11.33 7.26 -0.93
C LYS D 142 11.82 8.49 -0.15
N VAL D 143 12.30 8.29 1.08
CA VAL D 143 12.91 9.39 1.84
C VAL D 143 14.09 9.98 1.08
N LEU D 144 14.95 9.13 0.52
CA LEU D 144 16.07 9.59 -0.29
C LEU D 144 15.61 10.42 -1.48
N ALA D 145 14.55 9.97 -2.14
CA ALA D 145 14.06 10.66 -3.32
C ALA D 145 13.70 12.10 -2.96
N LYS D 146 13.16 12.28 -1.75
CA LYS D 146 12.75 13.60 -1.29
C LYS D 146 13.96 14.46 -0.88
N GLU D 147 14.91 13.83 -0.20
CA GLU D 147 16.08 14.54 0.30
C GLU D 147 17.09 14.93 -0.80
N LEU D 148 17.24 14.07 -1.80
CA LEU D 148 18.30 14.28 -2.78
C LEU D 148 17.85 15.02 -4.04
N ALA D 149 16.54 15.25 -4.17
CA ALA D 149 16.00 15.93 -5.35
C ALA D 149 16.83 17.18 -5.66
N PRO D 150 17.06 17.45 -6.96
CA PRO D 150 16.49 16.76 -8.13
C PRO D 150 17.23 15.50 -8.56
N ILE D 151 18.17 15.01 -7.77
CA ILE D 151 18.69 13.68 -8.03
C ILE D 151 17.53 12.72 -7.81
N ARG D 152 17.32 11.81 -8.75
CA ARG D 152 16.19 10.88 -8.69
C ARG D 152 16.58 9.60 -7.97
N VAL D 153 15.65 9.06 -7.19
CA VAL D 153 15.94 7.84 -6.46
C VAL D 153 14.76 6.89 -6.55
N ASN D 154 15.01 5.70 -7.08
CA ASN D 154 13.97 4.68 -7.25
C ASN D 154 14.53 3.33 -6.81
N ALA D 155 13.66 2.32 -6.80
CA ALA D 155 14.07 0.96 -6.47
C ALA D 155 13.39 -0.03 -7.40
N ILE D 156 14.12 -1.06 -7.77
CA ILE D 156 13.59 -2.19 -8.51
C ILE D 156 13.32 -3.32 -7.52
N SER D 157 12.16 -3.96 -7.65
CA SER D 157 11.77 -5.03 -6.76
C SER D 157 11.56 -6.31 -7.55
N PRO D 158 12.59 -7.15 -7.62
CA PRO D 158 12.51 -8.37 -8.44
C PRO D 158 11.71 -9.49 -7.78
N GLY D 159 11.13 -10.36 -8.61
CA GLY D 159 10.69 -11.67 -8.18
C GLY D 159 11.81 -12.66 -8.47
N LEU D 160 11.50 -13.96 -8.40
CA LEU D 160 12.52 -14.99 -8.55
C LEU D 160 13.19 -14.87 -9.91
N THR D 161 14.52 -14.81 -9.90
CA THR D 161 15.32 -14.62 -11.12
C THR D 161 16.48 -15.60 -11.11
N LYS D 162 16.75 -16.24 -12.24
CA LYS D 162 17.82 -17.23 -12.31
C LYS D 162 19.18 -16.53 -12.28
N THR D 163 19.86 -16.62 -11.14
CA THR D 163 21.17 -16.02 -10.98
C THR D 163 22.05 -16.88 -10.07
N GLU D 164 23.30 -16.42 -9.88
CA GLU D 164 24.24 -17.04 -8.96
C GLU D 164 23.78 -16.92 -7.51
N ALA D 165 22.71 -16.18 -7.27
CA ALA D 165 22.22 -16.01 -5.91
C ALA D 165 21.97 -17.38 -5.28
N TYR D 166 21.64 -18.36 -6.12
CA TYR D 166 21.23 -19.67 -5.65
C TYR D 166 22.34 -20.71 -5.83
N LYS D 167 23.58 -20.24 -5.90
CA LYS D 167 24.71 -21.15 -6.13
C LYS D 167 24.93 -22.09 -4.94
N GLY D 168 24.46 -21.68 -3.77
CA GLY D 168 24.62 -22.46 -2.55
C GLY D 168 23.63 -23.62 -2.46
N MET D 169 22.58 -23.58 -3.28
CA MET D 169 21.59 -24.65 -3.28
C MET D 169 22.08 -25.90 -3.98
N ASN D 170 21.60 -27.06 -3.56
CA ASN D 170 21.80 -28.25 -4.35
C ASN D 170 21.18 -28.00 -5.72
N ALA D 171 21.88 -28.35 -6.79
CA ALA D 171 21.43 -28.02 -8.13
C ALA D 171 20.03 -28.58 -8.44
N ASP D 172 19.71 -29.75 -7.89
CA ASP D 172 18.42 -30.39 -8.15
C ASP D 172 17.31 -29.63 -7.45
N ASP D 173 17.56 -29.27 -6.20
CA ASP D 173 16.62 -28.45 -5.43
C ASP D 173 16.37 -27.13 -6.15
N ARG D 174 17.41 -26.59 -6.76
CA ARG D 174 17.31 -25.30 -7.46
C ARG D 174 16.45 -25.44 -8.72
N ASP D 175 16.66 -26.51 -9.48
CA ASP D 175 15.85 -26.77 -10.67
C ASP D 175 14.38 -26.91 -10.29
N ALA D 176 14.12 -27.65 -9.21
CA ALA D 176 12.77 -27.85 -8.72
C ALA D 176 12.13 -26.53 -8.26
N MET D 177 12.92 -25.69 -7.61
CA MET D 177 12.45 -24.36 -7.20
C MET D 177 12.04 -23.56 -8.43
N TYR D 178 12.95 -23.47 -9.39
CA TYR D 178 12.66 -22.78 -10.64
C TYR D 178 11.38 -23.31 -11.27
N GLN D 179 11.27 -24.65 -11.38
CA GLN D 179 10.14 -25.25 -12.07
C GLN D 179 8.79 -25.02 -11.37
N ARG D 180 8.80 -25.04 -10.04
CA ARG D 180 7.57 -24.82 -9.29
C ARG D 180 7.09 -23.40 -9.57
N THR D 181 8.05 -22.49 -9.70
CA THR D 181 7.73 -21.11 -9.99
C THR D 181 7.21 -20.97 -11.41
N GLN D 182 7.95 -21.48 -12.38
CA GLN D 182 7.49 -21.49 -13.76
C GLN D 182 6.07 -22.05 -13.86
N SER D 183 5.80 -23.15 -13.17
CA SER D 183 4.52 -23.83 -13.28
C SER D 183 3.38 -23.05 -12.66
N HIS D 184 3.68 -22.09 -11.79
CA HIS D 184 2.63 -21.45 -11.01
C HIS D 184 2.51 -19.93 -11.16
N LEU D 185 3.57 -19.25 -11.58
CA LEU D 185 3.47 -17.80 -11.82
C LEU D 185 2.54 -17.53 -13.00
N PRO D 186 1.73 -16.47 -12.90
CA PRO D 186 0.87 -16.06 -14.03
C PRO D 186 1.62 -16.00 -15.36
N VAL D 187 2.83 -15.46 -15.40
CA VAL D 187 3.53 -15.36 -16.68
C VAL D 187 4.14 -16.70 -17.13
N GLY D 188 4.03 -17.73 -16.28
CA GLY D 188 4.45 -19.07 -16.67
C GLY D 188 5.91 -19.18 -17.08
N LYS D 189 6.77 -18.41 -16.42
CA LYS D 189 8.22 -18.52 -16.63
C LYS D 189 8.93 -17.98 -15.40
N VAL D 190 10.19 -18.36 -15.24
CA VAL D 190 11.01 -17.78 -14.18
C VAL D 190 11.74 -16.59 -14.76
N GLY D 191 12.12 -15.65 -13.91
CA GLY D 191 12.74 -14.43 -14.39
C GLY D 191 14.13 -14.68 -14.90
N GLU D 192 14.51 -13.99 -15.98
CA GLU D 192 15.90 -13.97 -16.42
C GLU D 192 16.51 -12.62 -16.01
N ALA D 193 17.82 -12.60 -15.81
CA ALA D 193 18.48 -11.39 -15.35
C ALA D 193 18.20 -10.22 -16.28
N SER D 194 18.16 -10.47 -17.58
CA SER D 194 17.88 -9.41 -18.54
C SER D 194 16.48 -8.79 -18.34
N ASP D 195 15.51 -9.57 -17.87
CA ASP D 195 14.19 -9.03 -17.59
C ASP D 195 14.26 -8.00 -16.47
N ILE D 196 15.07 -8.26 -15.47
CA ILE D 196 15.19 -7.33 -14.33
C ILE D 196 16.06 -6.13 -14.73
N ALA D 197 17.19 -6.38 -15.38
CA ALA D 197 18.03 -5.31 -15.91
C ALA D 197 17.21 -4.25 -16.66
N MET D 198 16.22 -4.70 -17.44
CA MET D 198 15.39 -3.81 -18.24
C MET D 198 14.76 -2.72 -17.36
N ALA D 199 14.38 -3.11 -16.15
CA ALA D 199 13.74 -2.17 -15.23
C ALA D 199 14.70 -1.08 -14.72
N TYR D 200 15.96 -1.45 -14.46
CA TYR D 200 16.94 -0.44 -14.04
C TYR D 200 17.18 0.55 -15.19
N LEU D 201 17.26 0.05 -16.42
CA LEU D 201 17.44 0.95 -17.57
C LEU D 201 16.30 1.97 -17.66
N PHE D 202 15.09 1.47 -17.47
CA PHE D 202 13.89 2.31 -17.46
C PHE D 202 14.00 3.40 -16.41
N ALA D 203 14.38 3.04 -15.18
CA ALA D 203 14.48 4.02 -14.10
C ALA D 203 15.57 5.06 -14.38
N ILE D 204 16.70 4.60 -14.88
CA ILE D 204 17.79 5.49 -15.28
C ILE D 204 17.33 6.47 -16.39
N GLN D 205 16.53 5.98 -17.32
CA GLN D 205 16.14 6.75 -18.51
C GLN D 205 15.04 7.79 -18.27
N ASN D 206 14.16 7.55 -17.29
CA ASN D 206 12.94 8.35 -17.19
C ASN D 206 13.11 9.53 -16.24
N SER D 207 13.26 10.72 -16.80
CA SER D 207 13.51 11.91 -16.00
C SER D 207 12.28 12.39 -15.23
N TYR D 208 11.14 11.71 -15.40
CA TYR D 208 9.94 12.08 -14.64
C TYR D 208 9.62 11.05 -13.57
N MET D 209 10.56 10.20 -13.22
CA MET D 209 10.27 9.18 -12.22
C MET D 209 11.22 9.26 -11.04
N THR D 210 10.67 9.45 -9.85
CA THR D 210 11.47 9.40 -8.65
C THR D 210 10.57 8.98 -7.49
N GLY D 211 11.15 8.28 -6.52
CA GLY D 211 10.39 7.81 -5.38
C GLY D 211 9.57 6.56 -5.70
N THR D 212 9.86 5.92 -6.83
CA THR D 212 9.05 4.80 -7.30
C THR D 212 9.72 3.46 -7.04
N VAL D 213 8.91 2.45 -6.74
CA VAL D 213 9.36 1.07 -6.61
C VAL D 213 8.71 0.29 -7.74
N ILE D 214 9.54 -0.31 -8.60
CA ILE D 214 9.06 -1.01 -9.79
C ILE D 214 9.11 -2.53 -9.59
N ASP D 215 7.93 -3.16 -9.58
CA ASP D 215 7.86 -4.61 -9.43
C ASP D 215 8.04 -5.33 -10.77
N VAL D 216 8.97 -6.27 -10.80
CA VAL D 216 9.15 -7.15 -11.95
C VAL D 216 9.24 -8.56 -11.39
N ASP D 217 8.08 -9.17 -11.14
CA ASP D 217 7.99 -10.36 -10.30
C ASP D 217 7.13 -11.46 -10.93
N GLY D 218 6.83 -11.34 -12.22
CA GLY D 218 6.06 -12.36 -12.91
C GLY D 218 4.66 -12.60 -12.35
N GLY D 219 4.20 -11.73 -11.46
CA GLY D 219 2.85 -11.87 -10.92
C GLY D 219 2.83 -12.49 -9.53
N ALA D 220 4.00 -12.70 -8.94
CA ALA D 220 4.09 -13.38 -7.65
C ALA D 220 3.24 -12.69 -6.59
N LEU D 221 3.22 -11.35 -6.62
CA LEU D 221 2.48 -10.55 -5.65
C LEU D 221 0.95 -10.74 -5.73
N LEU D 222 0.47 -11.26 -6.85
CA LEU D 222 -0.95 -11.51 -7.02
C LEU D 222 -1.40 -12.74 -6.21
N GLY D 223 -0.44 -13.51 -5.73
CA GLY D 223 -0.72 -14.60 -4.82
C GLY D 223 -1.28 -15.82 -5.52
PA NDP E . -26.20 -7.85 4.68
O1A NDP E . -26.54 -8.73 5.92
O2A NDP E . -26.47 -8.55 3.31
O5B NDP E . -26.96 -6.51 4.79
C5B NDP E . -26.96 -5.59 3.74
C4B NDP E . -27.80 -4.35 4.09
O4B NDP E . -27.76 -3.37 3.06
C3B NDP E . -29.22 -4.64 4.38
O3B NDP E . -29.62 -3.89 5.49
C2B NDP E . -29.92 -4.17 3.23
O2B NDP E . -31.25 -3.87 3.57
C1B NDP E . -29.08 -2.98 2.84
N9A NDP E . -29.24 -2.49 1.48
C8A NDP E . -28.99 -3.15 0.33
N7A NDP E . -29.27 -2.32 -0.72
C5A NDP E . -29.70 -1.15 -0.21
C6A NDP E . -30.13 0.03 -0.79
N6A NDP E . -30.16 0.19 -2.23
N1A NDP E . -30.50 1.04 0.01
C2A NDP E . -30.48 0.92 1.35
N3A NDP E . -30.06 -0.22 1.93
C4A NDP E . -29.68 -1.26 1.17
O3 NDP E . -24.67 -7.42 4.53
PN NDP E . -23.47 -7.54 5.56
O1N NDP E . -22.93 -8.96 5.56
O2N NDP E . -23.88 -7.05 6.97
O5D NDP E . -22.37 -6.56 4.96
C5D NDP E . -22.33 -5.18 5.20
C4D NDP E . -21.16 -4.56 4.52
O4D NDP E . -20.01 -5.28 4.85
C3D NDP E . -21.24 -4.61 3.02
O3D NDP E . -20.64 -3.46 2.48
C2D NDP E . -20.51 -5.78 2.66
O2D NDP E . -19.99 -5.77 1.38
C1D NDP E . -19.40 -5.74 3.64
N1N NDP E . -18.84 -7.04 3.92
C2N NDP E . -19.20 -8.24 4.55
C3N NDP E . -18.52 -9.49 4.20
C7N NDP E . -19.12 -10.73 4.75
O7N NDP E . -18.56 -11.81 4.65
N7N NDP E . -20.44 -10.63 5.43
C4N NDP E . -17.10 -9.45 3.71
C5N NDP E . -16.67 -8.12 3.18
C6N NDP E . -17.54 -6.91 3.30
P2B NDP E . -32.45 -3.83 2.48
O1X NDP E . -33.72 -3.64 3.27
O2X NDP E . -32.50 -5.11 1.70
O3X NDP E . -32.20 -2.65 1.55
H51A NDP E . -26.04 -5.32 3.56
H52A NDP E . -27.33 -6.02 2.94
H4B NDP E . -27.41 -3.98 4.90
H3B NDP E . -29.35 -5.58 4.55
HO3A NDP E . -29.13 -4.13 6.20
H2B NDP E . -29.88 -4.84 2.52
H1B NDP E . -29.28 -2.21 3.45
H8A NDP E . -28.65 -4.08 0.25
H61A NDP E . -30.53 0.93 -2.59
H62A NDP E . -29.81 -0.48 -2.76
H2A NDP E . -30.74 1.67 1.92
H51N NDP E . -22.28 -5.02 6.16
H52N NDP E . -23.15 -4.78 4.84
H4D NDP E . -21.05 -3.63 4.80
H3D NDP E . -22.21 -4.65 2.75
HO3N NDP E . -21.03 -2.74 2.83
H2D NDP E . -21.07 -6.57 2.79
HO2N NDP E . -19.25 -6.22 1.35
H1D NDP E . -18.70 -5.14 3.37
H2N NDP E . -20.02 -8.28 5.07
H71N NDP E . -20.83 -11.40 5.78
H72N NDP E . -20.86 -9.81 5.50
H41N NDP E . -17.01 -10.11 3.02
H42N NDP E . -16.50 -9.72 4.43
H5N NDP E . -15.88 -8.07 2.63
H6N NDP E . -17.22 -6.04 3.02
PA NDP F . 8.60 6.69 25.45
O1A NDP F . 7.69 7.42 26.46
O2A NDP F . 9.97 7.41 25.20
O5B NDP F . 8.89 5.28 26.03
C5B NDP F . 9.94 4.50 25.56
C4B NDP F . 10.06 3.21 26.38
O4B NDP F . 10.99 2.28 25.81
C3B NDP F . 10.46 3.45 27.78
O3B NDP F . 9.68 2.66 28.63
C2B NDP F . 11.82 3.01 27.80
O2B NDP F . 12.18 2.72 29.12
C1B NDP F . 11.76 1.83 26.86
N9A NDP F . 13.03 1.38 26.35
C8A NDP F . 13.91 2.16 25.66
N7A NDP F . 14.98 1.41 25.34
C5A NDP F . 14.77 0.16 25.82
C6A NDP F . 15.54 -0.97 25.79
N6A NDP F . 16.81 -0.93 25.13
N1A NDP F . 15.07 -2.10 26.39
C2A NDP F . 13.87 -2.12 26.99
N3A NDP F . 13.11 -1.01 27.03
C4A NDP F . 13.54 0.14 26.46
O3 NDP F . 8.03 6.49 23.99
PN NDP F . 6.51 6.46 23.49
O1N NDP F . 6.11 7.87 23.16
O2N NDP F . 5.59 5.78 24.51
O5D NDP F . 6.54 5.55 22.19
C5D NDP F . 6.37 4.15 22.20
C4D NDP F . 6.37 3.55 20.83
O4D NDP F . 5.48 4.25 20.02
C3D NDP F . 7.71 3.66 20.18
O3D NDP F . 7.94 2.59 19.30
C2D NDP F . 7.62 4.87 19.44
O2D NDP F . 8.48 4.90 18.36
C1D NDP F . 6.23 4.82 18.95
N1N NDP F . 5.67 6.15 18.69
C2N NDP F . 5.33 7.31 19.40
C3N NDP F . 5.15 8.59 18.69
C7N NDP F . 5.00 9.80 19.54
O7N NDP F . 4.85 10.90 19.01
N7N NDP F . 5.01 9.66 21.02
C4N NDP F . 4.91 8.62 17.22
C5N NDP F . 5.20 7.35 16.50
C6N NDP F . 5.53 6.09 17.27
P2B NDP F . 13.72 2.60 29.56
O1X NDP F . 13.65 2.19 31.03
O2X NDP F . 14.43 3.91 29.36
O3X NDP F . 14.40 1.53 28.74
H51A NDP F . 9.78 4.27 24.62
H52A NDP F . 10.78 5.01 25.62
H4B NDP F . 9.18 2.81 26.40
H3B NDP F . 10.36 4.38 28.00
HO3A NDP F . 10.13 2.48 29.38
H2B NDP F . 12.39 3.70 27.42
H1B NDP F . 11.30 1.05 27.29
H8A NDP F . 13.78 3.11 25.44
H61A NDP F . 17.37 -1.65 25.18
H62A NDP F . 17.05 -0.19 24.66
H2A NDP F . 13.54 -2.94 27.41
H51N NDP F . 7.10 3.74 22.71
H52N NDP F . 5.53 3.94 22.63
H4D NDP F . 6.10 2.61 20.87
H3D NDP F . 8.42 3.69 20.88
HO3N NDP F . 7.71 1.83 19.69
H2D NDP F . 7.79 5.63 20.02
HO2N NDP F . 8.09 5.31 17.69
H1D NDP F . 6.15 4.29 18.15
H2N NDP F . 5.32 7.30 20.36
H71N NDP F . 5.12 8.83 21.40
H72N NDP F . 4.92 10.42 21.55
H41N NDP F . 5.45 9.31 16.84
H42N NDP F . 3.98 8.88 17.04
H5N NDP F . 5.30 7.34 15.54
H6N NDP F . 5.61 5.25 16.80
PA NDP G . -6.18 13.54 -23.41
O1A NDP G . -5.08 14.22 -24.25
O2A NDP G . -7.35 14.49 -23.00
O5B NDP G . -6.74 12.37 -24.25
C5B NDP G . -7.93 11.73 -23.90
C4B NDP G . -8.37 10.71 -24.95
O4B NDP G . -9.51 9.98 -24.51
C3B NDP G . -8.71 11.31 -26.27
O3B NDP G . -8.15 10.57 -27.32
C2B NDP G . -10.12 11.20 -26.33
O2B NDP G . -10.52 11.20 -27.68
C1B NDP G . -10.34 9.91 -25.60
N9A NDP G . -11.70 9.67 -25.15
C8A NDP G . -12.40 10.42 -24.27
N7A NDP G . -13.62 9.89 -24.12
C5A NDP G . -13.70 8.79 -24.88
C6A NDP G . -14.72 7.86 -25.11
N6A NDP G . -16.00 7.98 -24.43
N1A NDP G . -14.48 6.85 -25.96
C2A NDP G . -13.30 6.73 -26.59
N3A NDP G . -12.29 7.60 -26.40
C4A NDP G . -12.48 8.64 -25.54
O3 NDP G . -5.73 12.90 -22.03
PN NDP G . -4.29 12.43 -21.56
O1N NDP G . -3.55 13.60 -20.97
O2N NDP G . -3.49 11.80 -22.73
O5D NDP G . -4.55 11.31 -20.47
C5D NDP G . -4.69 9.93 -20.74
C4D NDP G . -4.91 9.14 -19.49
O4D NDP G . -3.95 9.44 -18.53
C3D NDP G . -6.23 9.48 -18.83
O3D NDP G . -6.74 8.34 -18.22
C2D NDP G . -5.87 10.48 -17.87
O2D NDP G . -6.77 10.63 -16.81
C1D NDP G . -4.58 9.93 -17.36
N1N NDP G . -3.74 10.99 -16.82
C2N NDP G . -3.07 12.13 -17.28
C3N NDP G . -2.67 13.19 -16.35
C7N NDP G . -2.20 14.44 -17.00
O7N NDP G . -1.83 15.39 -16.29
N7N NDP G . -2.21 14.53 -18.47
C4N NDP G . -2.50 12.90 -14.90
C5N NDP G . -3.13 11.61 -14.45
C6N NDP G . -3.65 10.61 -15.44
P2B NDP G . -12.01 11.60 -28.13
O1X NDP G . -12.00 11.58 -29.65
O2X NDP G . -12.39 12.94 -27.58
O3X NDP G . -12.97 10.54 -27.59
H51A NDP G . -8.64 12.41 -23.82
H52A NDP G . -7.82 11.28 -23.03
H4B NDP G . -7.63 10.11 -25.08
H3B NDP G . -8.40 12.22 -26.31
HO3A NDP G . -7.26 10.55 -27.24
H2B NDP G . -10.54 11.93 -25.84
H1B NDP G . -10.07 9.13 -26.16
H8A NDP G . -12.06 11.24 -23.83
H61A NDP G . -16.69 7.44 -24.66
H62A NDP G . -16.11 8.62 -23.78
H2A NDP G . -13.15 5.97 -27.20
H51N NDP G . -3.87 9.61 -21.18
H52N NDP G . -5.45 9.80 -21.33
H4D NDP G . -4.89 8.19 -19.68
H3D NDP G . -6.86 9.82 -19.53
HO3N NDP G . -6.75 7.67 -18.80
H2D NDP G . -5.75 11.33 -18.31
HO2N NDP G . -7.58 10.44 -17.10
H1D NDP G . -4.72 9.24 -16.70
H2N NDP G . -3.03 12.29 -18.24
H71N NDP G . -1.92 15.31 -18.89
H72N NDP G . -2.49 13.81 -18.98
H41N NDP G . -1.58 12.86 -14.71
H42N NDP G . -2.89 13.63 -14.38
H5N NDP G . -3.34 11.50 -13.51
H6N NDP G . -3.97 9.74 -15.14
PA NDP H . 23.93 -12.31 -6.87
O1A NDP H . 24.14 -12.96 -8.27
O2A NDP H . 24.18 -13.21 -5.60
O5B NDP H . 24.91 -11.13 -6.75
C5B NDP H . 25.08 -10.51 -5.51
C4B NDP H . 26.17 -9.42 -5.56
O4B NDP H . 26.35 -8.83 -4.28
C3B NDP H . 27.50 -9.95 -5.97
O3B NDP H . 28.07 -9.09 -6.91
C2B NDP H . 28.26 -9.94 -4.77
O2B NDP H . 29.64 -9.92 -5.11
C1B NDP H . 27.73 -8.71 -4.09
N9A NDP H . 28.01 -8.55 -2.67
C8A NDP H . 27.60 -9.36 -1.68
N7A NDP H . 28.02 -8.88 -0.50
C5A NDP H . 28.73 -7.75 -0.74
C6A NDP H . 29.40 -6.86 0.09
N6A NDP H . 29.43 -7.03 1.53
N1A NDP H . 30.01 -5.81 -0.48
C2A NDP H . 29.99 -5.62 -1.81
N3A NDP H . 29.36 -6.48 -2.64
C4A NDP H . 28.72 -7.54 -2.12
O3 NDP H . 22.48 -11.73 -6.55
PN NDP H . 21.36 -11.26 -7.54
O1N NDP H . 20.52 -12.44 -8.00
O2N NDP H . 21.91 -10.46 -8.75
O5D NDP H . 20.42 -10.26 -6.76
C5D NDP H . 20.76 -8.90 -6.58
C4D NDP H . 19.77 -8.18 -5.73
O4D NDP H . 18.46 -8.46 -6.15
C3D NDP H . 19.84 -8.57 -4.28
O3D NDP H . 19.52 -7.45 -3.53
C2D NDP H . 18.82 -9.57 -4.14
O2D NDP H . 18.30 -9.76 -2.85
C1D NDP H . 17.75 -9.03 -5.03
N1N NDP H . 16.94 -10.11 -5.55
C2N NDP H . 17.11 -11.21 -6.40
C3N NDP H . 16.12 -12.30 -6.37
C7N NDP H . 16.45 -13.47 -7.22
O7N NDP H . 15.63 -14.39 -7.28
N7N NDP H . 17.71 -13.50 -7.98
C4N NDP H . 14.71 -12.01 -5.99
C5N NDP H . 14.56 -10.84 -5.08
C6N NDP H . 15.67 -9.85 -4.94
P2B NDP H . 30.79 -10.35 -4.08
O1X NDP H . 32.12 -10.21 -4.84
O2X NDP H . 30.61 -11.79 -3.61
O3X NDP H . 30.78 -9.42 -2.90
H51A NDP H . 25.34 -11.18 -4.85
H52A NDP H . 24.23 -10.10 -5.24
H4B NDP H . 25.89 -8.76 -6.20
H3B NDP H . 27.40 -10.83 -6.36
HO3A NDP H . 27.54 -9.02 -7.64
H2B NDP H . 28.04 -10.73 -4.24
H1B NDP H . 28.04 -7.89 -4.57
H8A NDP H . 27.05 -10.17 -1.80
H61A NDP H . 29.96 -6.49 2.04
H62A NDP H . 28.93 -7.69 1.93
H2A NDP H . 30.45 -4.84 -2.20
H51N NDP H . 20.81 -8.47 -7.46
H52N NDP H . 21.63 -8.85 -6.16
H4D NDP H . 19.92 -7.21 -5.79
H3D NDP H . 20.76 -8.90 -4.07
HO3N NDP H . 20.13 -6.81 -3.67
H2D NDP H . 19.16 -10.42 -4.47
HO2N NDP H . 18.94 -9.62 -2.26
H1D NDP H . 17.20 -8.38 -4.58
H2N NDP H . 17.94 -11.33 -6.87
H71N NDP H . 18.31 -12.80 -7.92
H72N NDP H . 17.92 -14.23 -8.51
H41N NDP H . 14.21 -11.83 -6.79
H42N NDP H . 14.33 -12.80 -5.56
H5N NDP H . 13.80 -10.79 -4.49
H6N NDP H . 15.53 -9.02 -4.45
#